data_9AY7
#
_entry.id   9AY7
#
_cell.length_a   60.030
_cell.length_b   107.950
_cell.length_c   116.240
_cell.angle_alpha   90.000
_cell.angle_beta   90.000
_cell.angle_gamma   90.000
#
_symmetry.space_group_name_H-M   'P 21 21 21'
#
loop_
_entity.id
_entity.type
_entity.pdbx_description
1 polymer 'RAF proto-oncogene serine/threonine-protein kinase'
2 polymer 'Dual specificity mitogen-activated protein kinase kinase 1'
3 non-polymer 'PHOSPHOAMINOPHOSPHONIC ACID-ADENYLATE ESTER'
4 non-polymer 'MAGNESIUM ION'
5 non-polymer 'NICKEL (II) ION'
6 non-polymer 'ACETATE ION'
7 non-polymer 1,2-ETHANEDIOL
8 non-polymer "N-[3-fluoro-4-({7-[(3-fluoropyridin-2-yl)oxy]-4-methyl-2-oxo-2H-1-benzopyran-3-yl}methyl)pyridin-2-yl]-N'-methylsulfuric diamide"
9 water water
#
loop_
_entity_poly.entity_id
_entity_poly.type
_entity_poly.pdbx_seq_one_letter_code
_entity_poly.pdbx_strand_id
1 'polypeptide(L)'
;GDSSDDWEIEASEVMLSTRIGSGSFGTVYKGKWHGDVAVKILKVVDPTPEQFQAFRNEVAVLRKTRHVNILLFMGYMTKD
NLAIVTQWCEGSSLYKHLHVQETKFQMFQLIDIARQTAQGMDYLHAKNIIHRDMKSNNIFLHEGLTVKIGDFGLATVKSR
WSGSQQVEQPTGSVLWMAPEVIRMQDNNPFSFQSDVYSYGIVLYELMTGELPYSHINNRDQIIFMVGRGYASPDLSKLYK
NCPKAMKRLVADCVKKVKEERPLFPQILSSIELLQHSLPK
;
A
2 'polypeptide(L)'
;GMPKKKPTPIQLNPAPDGSAVNGTSSAETNLEALQKKLEELELDEQQRKRLEAFLTQKQKVGELKDDDFEKISELGAGNG
GVVFKVSHKPSGLVMARKLIHLEIKPAIRNQIIRELQVLHECNSPYIVGFYGAFYSDGEISICMEHMDGGSLDQVLKKAG
RIPEQILGKVSIAVIKGLTYLREKHKIMHRDVKPSNILVNSRGEIKLCDFGVSGQLIDAMANAFVGTRSYMSPERLQGTH
YSVQSDIWSMGLSLVEMAVGRYPIPPPDAKELELMFGCQVEGDAAETPPRPRTPGRPLSSYGMDSRPPMAIFELLDYIVN
EPPPKLPSGVFSLEFQDFVNKCLIKNPAERADLKQLMVHAFIKRSDAEEVDFAGWLCSTIGLNQPSTPTHAAGV
;
B
#
loop_
_chem_comp.id
_chem_comp.type
_chem_comp.name
_chem_comp.formula
A1AHE non-polymer 'N-[3-fluoro-4-({7-[(3-fluoropyridin-2-yl)oxy]-4-methyl-2-oxo-2H-1-benzopyran-3-yl}methyl)pyridin-2-yl]-N'-methylsulfuric diamide' 'C22 H18 F2 N4 O5 S'
ACT non-polymer 'ACETATE ION' 'C2 H3 O2 -1'
ANP non-polymer 'PHOSPHOAMINOPHOSPHONIC ACID-ADENYLATE ESTER' 'C10 H17 N6 O12 P3'
EDO non-polymer 1,2-ETHANEDIOL 'C2 H6 O2'
MG non-polymer 'MAGNESIUM ION' 'Mg 2'
NI non-polymer 'NICKEL (II) ION' 'Ni 2'
#
# COMPACT_ATOMS: atom_id res chain seq x y z
N GLU A 8 -17.61 7.64 28.54
CA GLU A 8 -16.87 6.39 28.35
C GLU A 8 -17.77 5.20 28.62
N ILE A 9 -17.59 4.14 27.82
CA ILE A 9 -18.39 2.93 27.95
C ILE A 9 -17.58 1.89 28.71
N GLU A 10 -18.29 1.10 29.52
CA GLU A 10 -17.65 0.02 30.28
C GLU A 10 -17.38 -1.17 29.36
N ALA A 11 -16.13 -1.63 29.33
CA ALA A 11 -15.77 -2.78 28.50
C ALA A 11 -16.54 -4.04 28.91
N SER A 12 -17.00 -4.12 30.16
CA SER A 12 -17.78 -5.27 30.59
C SER A 12 -19.08 -5.39 29.80
N GLU A 13 -19.72 -4.25 29.52
CA GLU A 13 -20.97 -4.25 28.76
C GLU A 13 -20.75 -4.42 27.27
N VAL A 14 -19.51 -4.39 26.80
CA VAL A 14 -19.21 -4.54 25.38
C VAL A 14 -18.90 -6.00 25.11
N MET A 15 -19.70 -6.63 24.25
CA MET A 15 -19.57 -8.04 23.92
C MET A 15 -19.06 -8.16 22.48
N LEU A 16 -17.74 -8.08 22.33
CA LEU A 16 -17.13 -8.20 21.01
C LEU A 16 -17.40 -9.57 20.41
N SER A 17 -18.12 -9.59 19.29
CA SER A 17 -18.51 -10.84 18.64
C SER A 17 -17.51 -11.24 17.56
N THR A 18 -17.80 -10.89 16.31
CA THR A 18 -16.99 -11.28 15.17
C THR A 18 -16.15 -10.12 14.67
N ARG A 19 -15.04 -10.46 14.02
CA ARG A 19 -14.15 -9.46 13.43
C ARG A 19 -14.56 -9.24 11.98
N ILE A 20 -14.64 -7.96 11.59
CA ILE A 20 -15.10 -7.61 10.25
C ILE A 20 -13.95 -7.25 9.33
N GLY A 21 -12.97 -6.50 9.83
CA GLY A 21 -11.84 -6.09 9.02
C GLY A 21 -11.20 -4.85 9.59
N SER A 22 -10.09 -4.47 8.97
CA SER A 22 -9.31 -3.31 9.38
C SER A 22 -9.25 -2.29 8.26
N GLY A 23 -9.11 -1.02 8.64
CA GLY A 23 -9.02 0.06 7.68
C GLY A 23 -7.72 0.83 7.75
N SER A 24 -7.81 2.16 7.75
CA SER A 24 -6.64 3.01 7.80
C SER A 24 -6.26 3.45 9.20
N PHE A 25 -7.10 3.16 10.20
CA PHE A 25 -6.76 3.58 11.57
C PHE A 25 -7.41 2.72 12.64
N GLY A 26 -7.93 1.54 12.32
CA GLY A 26 -8.55 0.70 13.33
C GLY A 26 -9.01 -0.60 12.73
N THR A 27 -9.54 -1.46 13.60
CA THR A 27 -10.06 -2.77 13.21
C THR A 27 -11.47 -2.91 13.75
N VAL A 28 -12.42 -3.18 12.86
CA VAL A 28 -13.84 -3.17 13.20
C VAL A 28 -14.25 -4.54 13.71
N TYR A 29 -14.97 -4.56 14.82
CA TYR A 29 -15.59 -5.76 15.37
C TYR A 29 -17.08 -5.50 15.58
N LYS A 30 -17.90 -6.52 15.33
CA LYS A 30 -19.30 -6.45 15.70
C LYS A 30 -19.44 -6.77 17.18
N GLY A 31 -20.36 -6.07 17.85
CA GLY A 31 -20.50 -6.23 19.28
C GLY A 31 -21.92 -5.98 19.74
N LYS A 32 -22.10 -6.03 21.06
CA LYS A 32 -23.40 -5.79 21.70
C LYS A 32 -23.20 -4.84 22.86
N TRP A 33 -23.97 -3.75 22.86
CA TRP A 33 -23.92 -2.77 23.96
C TRP A 33 -25.29 -2.08 23.97
N HIS A 34 -26.21 -2.64 24.76
CA HIS A 34 -27.61 -2.22 24.76
C HIS A 34 -28.21 -2.29 23.37
N GLY A 35 -27.70 -3.20 22.54
CA GLY A 35 -28.09 -3.32 21.15
C GLY A 35 -26.92 -3.62 20.24
N ASP A 36 -27.18 -3.80 18.95
CA ASP A 36 -26.10 -4.05 18.00
C ASP A 36 -25.18 -2.84 17.89
N VAL A 37 -23.89 -3.05 18.09
CA VAL A 37 -22.91 -1.97 18.09
C VAL A 37 -21.69 -2.39 17.28
N ALA A 38 -21.01 -1.39 16.71
CA ALA A 38 -19.75 -1.60 16.00
C ALA A 38 -18.63 -1.02 16.84
N VAL A 39 -17.54 -1.77 16.98
CA VAL A 39 -16.39 -1.38 17.79
C VAL A 39 -15.15 -1.40 16.91
N LYS A 40 -14.40 -0.30 16.91
CA LYS A 40 -13.18 -0.17 16.12
C LYS A 40 -11.99 -0.06 17.09
N ILE A 41 -11.18 -1.11 17.14
CA ILE A 41 -9.97 -1.08 17.96
C ILE A 41 -8.95 -0.20 17.25
N LEU A 42 -8.75 1.01 17.76
CA LEU A 42 -7.88 1.97 17.11
C LEU A 42 -6.42 1.51 17.16
N LYS A 43 -5.70 1.75 16.07
CA LYS A 43 -4.31 1.32 15.96
C LYS A 43 -3.37 2.12 16.85
N VAL A 44 -3.86 3.17 17.51
CA VAL A 44 -3.03 3.96 18.40
C VAL A 44 -2.64 3.15 19.64
N ASP A 46 -1.09 3.30 22.85
CA ASP A 46 -0.41 4.18 23.80
C ASP A 46 -0.48 5.63 23.33
N PRO A 47 -1.51 6.36 23.76
CA PRO A 47 -1.68 7.75 23.33
C PRO A 47 -1.02 8.74 24.27
N THR A 48 -0.62 9.87 23.69
CA THR A 48 -0.10 10.97 24.48
C THR A 48 -1.22 11.60 25.30
N PRO A 49 -0.92 12.12 26.49
CA PRO A 49 -1.98 12.71 27.31
C PRO A 49 -2.65 13.91 26.66
N GLU A 50 -1.91 14.71 25.89
CA GLU A 50 -2.52 15.82 25.16
C GLU A 50 -3.47 15.32 24.08
N GLN A 51 -3.13 14.18 23.45
CA GLN A 51 -4.00 13.62 22.43
C GLN A 51 -5.25 13.01 23.05
N PHE A 52 -5.13 12.39 24.22
CA PHE A 52 -6.29 11.78 24.87
C PHE A 52 -7.34 12.81 25.23
N GLN A 53 -6.92 14.04 25.56
CA GLN A 53 -7.90 15.09 25.85
C GLN A 53 -8.53 15.62 24.57
N ALA A 54 -7.73 15.76 23.50
CA ALA A 54 -8.29 16.15 22.21
C ALA A 54 -9.25 15.10 21.69
N PHE A 55 -8.98 13.82 21.97
CA PHE A 55 -9.91 12.77 21.58
C PHE A 55 -11.21 12.87 22.35
N ARG A 56 -11.13 13.06 23.67
CA ARG A 56 -12.34 13.16 24.48
C ARG A 56 -13.19 14.36 24.10
N ASN A 57 -12.55 15.45 23.65
CA ASN A 57 -13.31 16.61 23.22
C ASN A 57 -14.01 16.37 21.89
N GLU A 58 -13.35 15.64 20.98
CA GLU A 58 -13.99 15.28 19.72
C GLU A 58 -15.18 14.35 19.95
N VAL A 59 -15.01 13.36 20.83
CA VAL A 59 -16.09 12.41 21.13
C VAL A 59 -17.32 13.15 21.65
N ALA A 60 -17.10 14.17 22.48
CA ALA A 60 -18.22 14.96 22.99
C ALA A 60 -18.99 15.64 21.86
N VAL A 61 -18.29 16.02 20.80
CA VAL A 61 -18.96 16.63 19.65
C VAL A 61 -19.68 15.59 18.82
N LEU A 62 -18.99 14.47 18.53
CA LEU A 62 -19.55 13.46 17.65
C LEU A 62 -20.72 12.73 18.30
N ARG A 63 -20.76 12.65 19.62
CA ARG A 63 -21.84 11.94 20.30
C ARG A 63 -23.17 12.67 20.16
N LYS A 64 -23.14 13.99 19.98
CA LYS A 64 -24.36 14.78 19.90
C LYS A 64 -24.95 14.84 18.50
N THR A 65 -24.25 14.31 17.50
CA THR A 65 -24.77 14.36 16.13
C THR A 65 -26.04 13.53 15.99
N ARG A 66 -27.01 14.08 15.27
CA ARG A 66 -28.31 13.43 15.11
C ARG A 66 -28.84 13.77 13.73
N HIS A 67 -28.71 12.83 12.80
CA HIS A 67 -29.21 13.02 11.44
C HIS A 67 -29.50 11.64 10.84
N VAL A 68 -30.48 11.60 9.94
CA VAL A 68 -30.92 10.32 9.38
C VAL A 68 -29.84 9.71 8.48
N ASN A 69 -28.98 10.54 7.91
CA ASN A 69 -27.93 10.07 7.00
C ASN A 69 -26.57 9.98 7.68
N ILE A 70 -26.54 9.92 9.01
CA ILE A 70 -25.31 9.89 9.78
C ILE A 70 -25.38 8.73 10.77
N LEU A 71 -24.35 7.91 10.82
CA LEU A 71 -24.31 6.81 11.77
C LEU A 71 -24.13 7.35 13.19
N LEU A 72 -24.83 6.74 14.14
CA LEU A 72 -24.76 7.17 15.52
C LEU A 72 -23.39 6.85 16.12
N PHE A 73 -22.87 7.78 16.90
CA PHE A 73 -21.59 7.62 17.60
C PHE A 73 -21.87 7.46 19.09
N MET A 74 -21.49 6.32 19.66
CA MET A 74 -21.83 6.00 21.04
C MET A 74 -20.78 6.54 22.02
N GLY A 75 -19.53 6.11 21.89
CA GLY A 75 -18.49 6.56 22.81
C GLY A 75 -17.21 5.79 22.61
N TYR A 76 -16.37 5.83 23.65
CA TYR A 76 -15.04 5.26 23.62
C TYR A 76 -14.85 4.24 24.74
N MET A 77 -13.75 3.50 24.66
CA MET A 77 -13.45 2.44 25.60
C MET A 77 -11.94 2.34 25.79
N THR A 78 -11.54 1.70 26.89
CA THR A 78 -10.13 1.46 27.17
C THR A 78 -9.94 0.16 27.94
N LEU A 82 -7.29 1.61 23.06
CA LEU A 82 -8.39 2.54 22.87
C LEU A 82 -9.31 2.06 21.74
N ALA A 83 -10.61 2.34 21.87
CA ALA A 83 -11.57 1.91 20.89
C ALA A 83 -12.74 2.87 20.86
N ILE A 84 -13.47 2.88 19.74
CA ILE A 84 -14.65 3.70 19.57
C ILE A 84 -15.83 2.79 19.29
N VAL A 85 -17.01 3.19 19.78
CA VAL A 85 -18.25 2.43 19.62
C VAL A 85 -19.19 3.25 18.75
N THR A 86 -19.63 2.66 17.64
CA THR A 86 -20.52 3.34 16.70
C THR A 86 -21.73 2.46 16.41
N GLN A 87 -22.71 3.05 15.74
CA GLN A 87 -23.90 2.30 15.33
C GLN A 87 -23.53 1.24 14.30
N TRP A 88 -23.95 0.01 14.55
CA TRP A 88 -23.72 -1.07 13.59
C TRP A 88 -24.68 -0.95 12.42
N CYS A 89 -24.17 -1.17 11.22
CA CYS A 89 -24.97 -1.13 10.00
C CYS A 89 -24.90 -2.49 9.33
N GLU A 90 -26.07 -3.12 9.14
CA GLU A 90 -26.13 -4.47 8.58
C GLU A 90 -26.17 -4.48 7.06
N GLY A 91 -26.26 -3.31 6.44
CA GLY A 91 -26.18 -3.21 4.99
C GLY A 91 -24.74 -3.22 4.50
N SER A 92 -24.62 -3.26 3.18
CA SER A 92 -23.31 -3.24 2.54
C SER A 92 -22.89 -1.80 2.25
N SER A 93 -21.58 -1.58 2.22
CA SER A 93 -21.06 -0.26 1.90
C SER A 93 -21.30 0.08 0.43
N LEU A 94 -21.28 1.38 0.14
CA LEU A 94 -21.45 1.81 -1.24
C LEU A 94 -20.34 1.28 -2.13
N TYR A 95 -19.12 1.14 -1.59
CA TYR A 95 -18.02 0.60 -2.37
C TYR A 95 -18.33 -0.82 -2.86
N LYS A 96 -18.93 -1.64 -2.00
CA LYS A 96 -19.27 -3.01 -2.40
C LYS A 96 -20.38 -3.02 -3.44
N HIS A 97 -21.40 -2.16 -3.26
CA HIS A 97 -22.48 -2.09 -4.23
C HIS A 97 -21.98 -1.70 -5.62
N LEU A 98 -21.06 -0.73 -5.68
CA LEU A 98 -20.62 -0.22 -6.96
C LEU A 98 -19.54 -1.09 -7.59
N HIS A 99 -18.59 -1.56 -6.79
CA HIS A 99 -17.37 -2.15 -7.32
C HIS A 99 -17.23 -3.66 -7.08
N VAL A 100 -18.05 -4.24 -6.21
CA VAL A 100 -17.94 -5.67 -5.93
C VAL A 100 -19.19 -6.38 -6.43
N GLN A 101 -20.34 -6.09 -5.81
CA GLN A 101 -21.59 -6.73 -6.19
C GLN A 101 -22.12 -6.22 -7.52
N GLU A 102 -21.74 -5.01 -7.93
CA GLU A 102 -22.29 -4.36 -9.11
C GLU A 102 -23.81 -4.34 -9.06
N THR A 103 -24.33 -3.74 -7.98
CA THR A 103 -25.77 -3.64 -7.79
C THR A 103 -26.41 -2.85 -8.92
N LYS A 104 -27.53 -3.37 -9.43
CA LYS A 104 -28.24 -2.71 -10.51
C LYS A 104 -28.93 -1.46 -9.98
N PHE A 105 -28.38 -0.29 -10.32
CA PHE A 105 -28.92 0.99 -9.90
C PHE A 105 -29.50 1.73 -11.09
N GLN A 106 -30.69 2.30 -10.89
CA GLN A 106 -31.22 3.25 -11.85
C GLN A 106 -30.50 4.59 -11.72
N MET A 107 -30.64 5.43 -12.74
CA MET A 107 -30.00 6.73 -12.70
C MET A 107 -30.57 7.60 -11.59
N PHE A 108 -31.90 7.58 -11.41
CA PHE A 108 -32.49 8.38 -10.35
C PHE A 108 -32.11 7.85 -8.97
N GLN A 109 -31.80 6.56 -8.86
CA GLN A 109 -31.32 6.02 -7.60
C GLN A 109 -29.91 6.50 -7.30
N LEU A 110 -29.07 6.61 -8.32
CA LEU A 110 -27.72 7.14 -8.12
C LEU A 110 -27.77 8.61 -7.70
N ILE A 111 -28.69 9.38 -8.28
CA ILE A 111 -28.84 10.78 -7.89
C ILE A 111 -29.35 10.87 -6.45
N ASP A 112 -30.25 9.96 -6.06
CA ASP A 112 -30.77 9.97 -4.70
C ASP A 112 -29.68 9.66 -3.69
N ILE A 113 -28.79 8.71 -4.01
CA ILE A 113 -27.65 8.44 -3.14
C ILE A 113 -26.77 9.67 -3.03
N ALA A 114 -26.59 10.39 -4.13
CA ALA A 114 -25.80 11.62 -4.10
C ALA A 114 -26.49 12.70 -3.26
N ARG A 115 -27.82 12.76 -3.32
CA ARG A 115 -28.55 13.76 -2.55
C ARG A 115 -28.45 13.50 -1.06
N GLN A 116 -28.76 12.26 -0.63
CA GLN A 116 -28.70 11.93 0.79
C GLN A 116 -27.29 12.08 1.35
N THR A 117 -26.28 11.78 0.54
CA THR A 117 -24.90 11.98 0.99
C THR A 117 -24.60 13.47 1.19
N ALA A 118 -25.14 14.31 0.31
CA ALA A 118 -24.97 15.76 0.47
C ALA A 118 -25.74 16.26 1.69
N GLN A 119 -26.88 15.64 2.01
CA GLN A 119 -27.63 16.04 3.20
C GLN A 119 -26.85 15.74 4.47
N GLY A 120 -26.29 14.53 4.56
CA GLY A 120 -25.49 14.18 5.73
C GLY A 120 -24.24 15.03 5.85
N MET A 121 -23.62 15.35 4.71
CA MET A 121 -22.44 16.22 4.75
C MET A 121 -22.82 17.65 5.10
N ASP A 122 -23.96 18.13 4.58
CA ASP A 122 -24.43 19.46 4.95
C ASP A 122 -24.70 19.55 6.44
N TYR A 123 -25.23 18.47 7.03
CA TYR A 123 -25.46 18.46 8.47
C TYR A 123 -24.15 18.50 9.25
N LEU A 124 -23.17 17.70 8.82
CA LEU A 124 -21.89 17.65 9.55
C LEU A 124 -21.17 18.98 9.47
N HIS A 125 -21.15 19.62 8.29
CA HIS A 125 -20.48 20.90 8.16
C HIS A 125 -21.22 22.00 8.90
N ALA A 126 -22.56 21.97 8.88
CA ALA A 126 -23.33 22.93 9.66
C ALA A 126 -23.11 22.73 11.16
N LYS A 127 -22.70 21.53 11.57
CA LYS A 127 -22.28 21.27 12.94
C LYS A 127 -20.77 21.43 13.12
N ASN A 128 -20.08 21.99 12.12
CA ASN A 128 -18.65 22.28 12.19
C ASN A 128 -17.82 21.02 12.38
N ILE A 129 -18.08 20.02 11.55
CA ILE A 129 -17.39 18.74 11.61
C ILE A 129 -16.89 18.40 10.21
N ILE A 130 -15.58 18.23 10.06
CA ILE A 130 -14.97 17.83 8.80
C ILE A 130 -14.81 16.31 8.80
N HIS A 131 -15.21 15.67 7.70
CA HIS A 131 -15.19 14.22 7.63
C HIS A 131 -13.76 13.69 7.52
N ARG A 132 -12.95 14.30 6.65
CA ARG A 132 -11.54 13.97 6.41
C ARG A 132 -11.33 12.72 5.58
N ASP A 133 -12.29 11.80 5.57
CA ASP A 133 -12.11 10.52 4.87
C ASP A 133 -13.40 10.11 4.16
N MET A 134 -14.02 11.05 3.45
CA MET A 134 -15.21 10.73 2.67
C MET A 134 -14.85 9.85 1.48
N LYS A 135 -15.53 8.72 1.37
CA LYS A 135 -15.32 7.77 0.28
C LYS A 135 -16.47 6.77 0.33
N SER A 136 -16.58 5.97 -0.74
CA SER A 136 -17.66 4.99 -0.81
C SER A 136 -17.54 3.90 0.24
N ASN A 137 -16.33 3.69 0.78
CA ASN A 137 -16.16 2.70 1.85
C ASN A 137 -16.84 3.15 3.13
N ASN A 138 -16.95 4.47 3.36
CA ASN A 138 -17.56 5.02 4.55
C ASN A 138 -19.00 5.48 4.32
N ILE A 139 -19.64 4.99 3.26
CA ILE A 139 -21.06 5.22 3.00
C ILE A 139 -21.74 3.86 2.95
N PHE A 140 -22.83 3.71 3.69
CA PHE A 140 -23.59 2.47 3.72
C PHE A 140 -25.01 2.72 3.26
N LEU A 141 -25.62 1.68 2.68
CA LEU A 141 -27.01 1.72 2.27
C LEU A 141 -27.84 0.96 3.31
N HIS A 142 -28.71 1.68 4.00
CA HIS A 142 -29.44 1.16 5.16
C HIS A 142 -30.88 0.85 4.77
N GLU A 143 -31.30 -0.38 5.07
CA GLU A 143 -32.67 -0.85 4.79
C GLU A 143 -33.09 -0.50 3.37
N GLY A 144 -32.20 -0.76 2.42
CA GLY A 144 -32.48 -0.46 1.04
C GLY A 144 -31.69 0.73 0.52
N LEU A 145 -32.30 1.91 0.50
CA LEU A 145 -31.71 3.08 -0.13
C LEU A 145 -31.73 4.27 0.83
N THR A 146 -31.23 4.06 2.05
CA THR A 146 -31.03 5.13 3.03
C THR A 146 -29.54 5.24 3.30
N VAL A 147 -28.95 6.37 2.91
CA VAL A 147 -27.52 6.56 3.06
C VAL A 147 -27.16 6.75 4.52
N LYS A 148 -26.07 6.10 4.95
CA LYS A 148 -25.51 6.27 6.29
C LYS A 148 -24.03 6.57 6.14
N ILE A 149 -23.58 7.69 6.71
CA ILE A 149 -22.20 8.12 6.65
C ILE A 149 -21.52 7.78 7.97
N GLY A 150 -20.31 7.20 7.88
CA GLY A 150 -19.57 6.85 9.07
C GLY A 150 -18.12 7.29 8.98
N ASP A 151 -17.39 7.09 10.08
CA ASP A 151 -15.96 7.40 10.18
C ASP A 151 -15.67 8.87 9.88
N PHE A 152 -16.55 9.75 10.35
CA PHE A 152 -16.37 11.18 10.20
C PHE A 152 -15.62 11.74 11.40
N GLY A 153 -14.74 12.70 11.13
CA GLY A 153 -13.94 13.31 12.18
C GLY A 153 -12.77 12.46 12.61
N LEU A 154 -12.57 12.33 13.92
CA LEU A 154 -11.56 11.44 14.48
C LEU A 154 -10.15 11.82 14.02
N ALA A 155 -9.90 13.13 13.88
CA ALA A 155 -8.59 13.59 13.44
C ALA A 155 -7.49 13.21 14.42
N THR A 156 -7.84 13.08 15.71
CA THR A 156 -6.84 12.76 16.72
C THR A 156 -6.38 11.31 16.63
N VAL A 157 -7.25 10.40 16.21
CA VAL A 157 -6.91 8.98 16.14
C VAL A 157 -6.54 8.52 14.73
N LYS A 158 -6.95 9.25 13.69
CA LYS A 158 -6.54 8.89 12.34
C LYS A 158 -5.10 9.31 12.04
N SER A 159 -4.62 10.36 12.70
CA SER A 159 -3.29 10.89 12.44
C SER A 159 -2.25 10.32 13.39
N GLN A 166 -0.05 16.99 16.70
CA GLN A 166 -0.09 15.79 15.88
C GLN A 166 0.91 15.89 14.73
N VAL A 167 0.99 14.84 13.93
CA VAL A 167 1.88 14.79 12.77
C VAL A 167 1.14 15.33 11.56
N GLU A 168 1.76 16.29 10.86
CA GLU A 168 1.15 16.89 9.67
C GLU A 168 1.47 16.05 8.43
N GLN A 169 0.98 14.81 8.44
CA GLN A 169 1.20 13.88 7.35
C GLN A 169 -0.15 13.36 6.84
N PRO A 170 -0.28 13.12 5.55
CA PRO A 170 -1.54 12.62 5.01
C PRO A 170 -1.84 11.21 5.48
N THR A 171 -3.13 10.93 5.68
CA THR A 171 -3.58 9.61 6.08
C THR A 171 -4.93 9.33 5.44
N GLY A 172 -5.07 8.17 4.82
CA GLY A 172 -6.30 7.75 4.19
C GLY A 172 -6.07 7.30 2.77
N SER A 173 -7.16 7.12 2.05
CA SER A 173 -7.11 6.61 0.68
C SER A 173 -6.73 7.71 -0.31
N VAL A 174 -5.85 7.36 -1.24
CA VAL A 174 -5.29 8.35 -2.16
C VAL A 174 -6.35 8.86 -3.13
N LEU A 175 -7.22 7.97 -3.60
CA LEU A 175 -8.12 8.30 -4.71
C LEU A 175 -9.08 9.43 -4.35
N TRP A 176 -9.52 9.49 -3.09
CA TRP A 176 -10.48 10.51 -2.65
C TRP A 176 -9.80 11.71 -2.00
N MET A 177 -8.47 11.73 -1.94
CA MET A 177 -7.77 12.77 -1.19
C MET A 177 -7.67 14.04 -2.00
N ALA A 178 -8.02 15.16 -1.40
CA ALA A 178 -7.93 16.45 -2.08
C ALA A 178 -6.47 16.76 -2.40
N PRO A 179 -6.21 17.44 -3.52
CA PRO A 179 -4.81 17.73 -3.87
C PRO A 179 -4.06 18.52 -2.81
N GLU A 180 -4.70 19.54 -2.23
CA GLU A 180 -4.03 20.30 -1.18
C GLU A 180 -3.81 19.47 0.08
N VAL A 181 -4.60 18.42 0.28
CA VAL A 181 -4.36 17.51 1.39
C VAL A 181 -3.17 16.59 1.09
N ILE A 182 -3.00 16.21 -0.18
CA ILE A 182 -1.83 15.43 -0.58
C ILE A 182 -0.54 16.22 -0.32
N ARG A 183 -0.54 17.49 -0.73
CA ARG A 183 0.69 18.28 -0.66
C ARG A 183 1.08 18.58 0.78
N MET A 184 0.11 18.85 1.66
CA MET A 184 0.37 19.17 3.06
C MET A 184 1.41 20.29 3.20
N GLN A 185 1.33 21.27 2.30
CA GLN A 185 2.25 22.39 2.33
C GLN A 185 2.07 23.21 3.61
N ASP A 186 0.82 23.57 3.91
CA ASP A 186 0.50 24.13 5.22
C ASP A 186 0.13 23.01 6.19
N ASN A 187 0.29 23.28 7.48
CA ASN A 187 0.11 22.25 8.49
C ASN A 187 -1.33 21.75 8.53
N ASN A 188 -2.30 22.58 8.12
CA ASN A 188 -3.71 22.23 8.15
C ASN A 188 -4.33 22.49 6.79
N PRO A 189 -4.34 21.49 5.91
CA PRO A 189 -4.98 21.67 4.60
C PRO A 189 -6.42 21.15 4.57
N PHE A 190 -7.00 20.92 5.74
CA PHE A 190 -8.35 20.38 5.83
C PHE A 190 -9.36 21.50 5.96
N SER A 191 -10.44 21.40 5.19
CA SER A 191 -11.50 22.41 5.17
C SER A 191 -12.79 21.76 4.69
N PHE A 192 -13.85 22.56 4.63
CA PHE A 192 -15.08 22.07 4.02
C PHE A 192 -14.88 21.76 2.53
N GLN A 193 -14.01 22.52 1.86
CA GLN A 193 -13.76 22.30 0.44
C GLN A 193 -13.02 20.99 0.18
N SER A 194 -12.14 20.57 1.10
CA SER A 194 -11.46 19.29 0.91
C SER A 194 -12.43 18.13 1.02
N ASP A 195 -13.44 18.22 1.88
CA ASP A 195 -14.50 17.22 1.90
C ASP A 195 -15.29 17.23 0.60
N VAL A 196 -15.46 18.40 -0.02
CA VAL A 196 -16.23 18.48 -1.26
C VAL A 196 -15.51 17.76 -2.38
N TYR A 197 -14.18 17.88 -2.43
CA TYR A 197 -13.41 17.12 -3.41
C TYR A 197 -13.61 15.62 -3.23
N SER A 198 -13.50 15.15 -1.98
CA SER A 198 -13.73 13.73 -1.70
C SER A 198 -15.14 13.32 -2.07
N TYR A 199 -16.13 14.18 -1.77
CA TYR A 199 -17.50 13.92 -2.19
C TYR A 199 -17.59 13.87 -3.72
N GLY A 200 -16.84 14.73 -4.40
CA GLY A 200 -16.84 14.71 -5.86
C GLY A 200 -16.35 13.40 -6.43
N ILE A 201 -15.36 12.79 -5.78
CA ILE A 201 -14.88 11.48 -6.23
C ILE A 201 -15.94 10.42 -6.00
N VAL A 202 -16.73 10.54 -4.93
CA VAL A 202 -17.85 9.64 -4.73
C VAL A 202 -18.88 9.81 -5.84
N LEU A 203 -19.14 11.06 -6.23
CA LEU A 203 -19.99 11.30 -7.40
C LEU A 203 -19.42 10.63 -8.64
N TYR A 204 -18.10 10.71 -8.82
CA TYR A 204 -17.47 10.05 -9.96
C TYR A 204 -17.70 8.55 -9.92
N GLU A 205 -17.63 7.95 -8.72
CA GLU A 205 -17.93 6.52 -8.58
C GLU A 205 -19.36 6.23 -9.00
N LEU A 206 -20.31 7.04 -8.53
CA LEU A 206 -21.72 6.80 -8.84
C LEU A 206 -22.00 6.95 -10.33
N MET A 207 -21.46 8.00 -10.95
CA MET A 207 -21.78 8.33 -12.33
C MET A 207 -20.84 7.69 -13.35
N THR A 208 -19.92 6.85 -12.91
CA THR A 208 -19.12 6.04 -13.83
C THR A 208 -19.12 4.55 -13.50
N GLY A 209 -19.44 4.16 -12.27
CA GLY A 209 -19.30 2.77 -11.86
C GLY A 209 -17.87 2.32 -11.68
N GLU A 210 -16.90 3.23 -11.75
CA GLU A 210 -15.49 2.90 -11.68
C GLU A 210 -14.80 3.81 -10.68
N LEU A 211 -13.53 3.50 -10.43
CA LEU A 211 -12.64 4.36 -9.67
C LEU A 211 -11.89 5.29 -10.62
N PRO A 212 -11.43 6.44 -10.13
CA PRO A 212 -10.64 7.32 -10.99
C PRO A 212 -9.26 6.73 -11.28
N TYR A 213 -8.66 7.23 -12.36
CA TYR A 213 -7.30 6.87 -12.76
C TYR A 213 -7.17 5.36 -12.99
N SER A 214 -8.11 4.80 -13.78
CA SER A 214 -8.07 3.38 -14.09
C SER A 214 -6.87 3.02 -14.95
N HIS A 215 -6.25 4.00 -15.60
CA HIS A 215 -5.06 3.79 -16.42
C HIS A 215 -3.77 3.93 -15.63
N ILE A 216 -3.84 4.26 -14.35
CA ILE A 216 -2.68 4.43 -13.49
C ILE A 216 -2.73 3.35 -12.42
N ASN A 217 -1.79 2.41 -12.47
CA ASN A 217 -1.70 1.32 -11.50
C ASN A 217 -0.50 1.49 -10.58
N ASN A 218 -0.21 2.73 -10.21
CA ASN A 218 0.94 3.07 -9.38
C ASN A 218 0.48 4.06 -8.33
N ARG A 219 0.49 3.63 -7.06
CA ARG A 219 0.01 4.49 -5.98
C ARG A 219 0.85 5.76 -5.85
N ASP A 220 2.18 5.62 -5.90
CA ASP A 220 3.04 6.78 -5.78
C ASP A 220 2.89 7.72 -6.98
N GLN A 221 2.63 7.18 -8.16
CA GLN A 221 2.37 8.02 -9.32
C GLN A 221 1.09 8.84 -9.12
N ILE A 222 0.08 8.24 -8.49
CA ILE A 222 -1.16 8.95 -8.24
C ILE A 222 -0.94 10.09 -7.26
N ILE A 223 -0.20 9.82 -6.18
CA ILE A 223 0.08 10.86 -5.18
C ILE A 223 0.79 12.04 -5.82
N PHE A 224 1.80 11.75 -6.67
CA PHE A 224 2.59 12.82 -7.25
C PHE A 224 1.80 13.61 -8.30
N MET A 225 1.15 12.90 -9.23
CA MET A 225 0.50 13.61 -10.33
C MET A 225 -0.72 14.39 -9.86
N VAL A 226 -1.50 13.83 -8.93
CA VAL A 226 -2.64 14.57 -8.40
C VAL A 226 -2.17 15.77 -7.58
N GLY A 227 -1.07 15.60 -6.82
CA GLY A 227 -0.55 16.71 -6.06
C GLY A 227 -0.07 17.85 -6.93
N ARG A 228 0.60 17.53 -8.04
CA ARG A 228 1.08 18.55 -8.96
C ARG A 228 -0.02 19.08 -9.88
N GLY A 229 -1.21 18.49 -9.85
CA GLY A 229 -2.24 18.86 -10.79
C GLY A 229 -2.10 18.27 -12.17
N TYR A 230 -1.26 17.23 -12.32
CA TYR A 230 -1.07 16.62 -13.62
C TYR A 230 -2.11 15.55 -13.93
N ALA A 231 -2.86 15.10 -12.93
CA ALA A 231 -3.86 14.06 -13.11
C ALA A 231 -5.17 14.49 -12.46
N SER A 232 -6.27 14.26 -13.17
CA SER A 232 -7.62 14.58 -12.71
C SER A 232 -8.57 13.51 -13.24
N PRO A 233 -9.69 13.28 -12.56
CA PRO A 233 -10.63 12.24 -13.00
C PRO A 233 -11.12 12.49 -14.42
N ASP A 234 -11.11 11.42 -15.22
CA ASP A 234 -11.53 11.48 -16.62
C ASP A 234 -13.05 11.61 -16.67
N LEU A 235 -13.54 12.83 -16.87
CA LEU A 235 -14.97 13.09 -16.87
C LEU A 235 -15.67 12.61 -18.13
N SER A 236 -14.93 12.16 -19.15
CA SER A 236 -15.56 11.58 -20.31
C SER A 236 -16.15 10.21 -20.04
N LYS A 237 -15.81 9.59 -18.90
CA LYS A 237 -16.31 8.28 -18.54
C LYS A 237 -17.64 8.34 -17.79
N LEU A 238 -18.14 9.54 -17.48
CA LEU A 238 -19.47 9.65 -16.90
C LEU A 238 -20.51 9.05 -17.83
N TYR A 239 -21.54 8.44 -17.24
CA TYR A 239 -22.59 7.81 -18.02
C TYR A 239 -23.19 8.79 -19.02
N LYS A 240 -23.56 8.28 -20.20
CA LYS A 240 -24.14 9.14 -21.22
C LYS A 240 -25.49 9.71 -20.80
N ASN A 241 -26.26 8.95 -20.01
CA ASN A 241 -27.54 9.42 -19.51
C ASN A 241 -27.41 10.19 -18.20
N CYS A 242 -26.20 10.52 -17.79
CA CYS A 242 -26.00 11.40 -16.64
C CYS A 242 -26.36 12.82 -17.03
N PRO A 243 -27.26 13.49 -16.31
CA PRO A 243 -27.68 14.83 -16.72
C PRO A 243 -26.51 15.81 -16.75
N LYS A 244 -26.65 16.84 -17.59
CA LYS A 244 -25.58 17.82 -17.74
C LYS A 244 -25.34 18.58 -16.45
N ALA A 245 -26.39 18.83 -15.67
CA ALA A 245 -26.22 19.52 -14.40
C ALA A 245 -25.44 18.67 -13.40
N MET A 246 -25.68 17.35 -13.41
CA MET A 246 -24.91 16.46 -12.53
C MET A 246 -23.47 16.33 -13.02
N LYS A 247 -23.27 16.31 -14.34
CA LYS A 247 -21.91 16.31 -14.87
C LYS A 247 -21.14 17.55 -14.44
N ARG A 248 -21.78 18.72 -14.51
CA ARG A 248 -21.14 19.95 -14.07
C ARG A 248 -20.87 19.91 -12.57
N LEU A 249 -21.76 19.28 -11.80
CA LEU A 249 -21.56 19.19 -10.36
C LEU A 249 -20.33 18.37 -10.01
N VAL A 250 -20.10 17.28 -10.73
CA VAL A 250 -18.88 16.49 -10.53
C VAL A 250 -17.65 17.33 -10.83
N ALA A 251 -17.69 18.08 -11.95
CA ALA A 251 -16.55 18.91 -12.32
C ALA A 251 -16.31 20.03 -11.32
N ASP A 252 -17.38 20.59 -10.76
CA ASP A 252 -17.23 21.66 -9.78
C ASP A 252 -16.70 21.15 -8.45
N CYS A 253 -17.09 19.94 -8.05
CA CYS A 253 -16.65 19.43 -6.76
C CYS A 253 -15.18 19.03 -6.77
N VAL A 254 -14.65 18.62 -7.92
CA VAL A 254 -13.27 18.14 -8.01
C VAL A 254 -12.35 19.20 -8.63
N LYS A 255 -12.71 20.48 -8.54
CA LYS A 255 -11.83 21.53 -9.00
C LYS A 255 -10.49 21.46 -8.27
N LYS A 256 -9.41 21.62 -9.02
CA LYS A 256 -8.08 21.59 -8.41
C LYS A 256 -7.89 22.74 -7.43
N VAL A 257 -8.30 23.95 -7.82
CA VAL A 257 -8.28 25.10 -6.91
C VAL A 257 -9.46 24.97 -5.95
N LYS A 258 -9.16 24.93 -4.65
CA LYS A 258 -10.20 24.63 -3.67
C LYS A 258 -11.18 25.77 -3.51
N GLU A 259 -10.77 27.01 -3.78
CA GLU A 259 -11.68 28.14 -3.64
C GLU A 259 -12.77 28.14 -4.71
N GLU A 260 -12.61 27.37 -5.78
CA GLU A 260 -13.61 27.27 -6.83
C GLU A 260 -14.64 26.19 -6.57
N ARG A 261 -14.45 25.36 -5.53
CA ARG A 261 -15.40 24.29 -5.26
C ARG A 261 -16.62 24.84 -4.52
N PRO A 262 -17.81 24.34 -4.85
CA PRO A 262 -19.00 24.74 -4.09
C PRO A 262 -19.04 24.04 -2.75
N LEU A 263 -19.84 24.59 -1.85
CA LEU A 263 -20.10 23.97 -0.56
C LEU A 263 -21.44 23.25 -0.60
N PHE A 264 -21.67 22.42 0.41
CA PHE A 264 -22.78 21.47 0.37
C PHE A 264 -24.17 22.11 0.38
N PRO A 265 -24.36 23.31 0.94
CA PRO A 265 -25.64 24.01 0.67
C PRO A 265 -25.91 24.20 -0.80
N GLN A 266 -24.92 24.65 -1.57
CA GLN A 266 -25.12 24.81 -3.01
C GLN A 266 -25.18 23.47 -3.73
N ILE A 267 -24.42 22.49 -3.27
CA ILE A 267 -24.46 21.16 -3.87
C ILE A 267 -25.84 20.54 -3.72
N LEU A 268 -26.41 20.64 -2.53
CA LEU A 268 -27.72 20.05 -2.29
C LEU A 268 -28.81 20.75 -3.11
N SER A 269 -28.72 22.08 -3.24
CA SER A 269 -29.71 22.80 -4.04
C SER A 269 -29.63 22.41 -5.50
N SER A 270 -28.41 22.22 -6.02
CA SER A 270 -28.25 21.84 -7.43
C SER A 270 -28.83 20.45 -7.68
N ILE A 271 -28.60 19.51 -6.76
CA ILE A 271 -29.17 18.18 -6.90
C ILE A 271 -30.70 18.25 -6.83
N GLU A 272 -31.22 19.02 -5.88
CA GLU A 272 -32.67 19.17 -5.76
C GLU A 272 -33.26 19.83 -7.00
N LEU A 273 -32.49 20.71 -7.65
CA LEU A 273 -32.98 21.36 -8.86
C LEU A 273 -33.08 20.37 -10.02
N LEU A 274 -32.01 19.61 -10.26
CA LEU A 274 -32.03 18.65 -11.36
C LEU A 274 -32.96 17.49 -11.08
N GLN A 275 -33.16 17.16 -9.80
CA GLN A 275 -34.03 16.03 -9.45
C GLN A 275 -35.49 16.35 -9.72
N HIS A 276 -35.90 17.60 -9.49
CA HIS A 276 -37.26 18.03 -9.73
C HIS A 276 -37.46 18.59 -11.14
N SER A 277 -36.42 18.54 -11.98
CA SER A 277 -36.49 18.87 -13.40
C SER A 277 -37.36 20.08 -13.74
N LEU B 34 9.67 -28.02 -15.78
CA LEU B 34 10.28 -27.21 -14.73
C LEU B 34 11.72 -27.64 -14.48
N GLN B 35 11.93 -28.95 -14.30
CA GLN B 35 13.29 -29.46 -14.14
C GLN B 35 14.10 -29.26 -15.40
N LYS B 36 13.45 -29.23 -16.56
CA LYS B 36 14.16 -28.93 -17.81
C LYS B 36 14.52 -27.45 -17.87
N LYS B 37 13.65 -26.58 -17.36
CA LYS B 37 13.94 -25.15 -17.35
C LYS B 37 15.11 -24.80 -16.44
N LEU B 38 15.48 -25.71 -15.53
CA LEU B 38 16.65 -25.46 -14.69
C LEU B 38 17.94 -25.53 -15.49
N GLU B 39 17.98 -26.38 -16.52
CA GLU B 39 19.19 -26.50 -17.33
C GLU B 39 19.47 -25.23 -18.12
N GLU B 40 18.43 -24.44 -18.42
CA GLU B 40 18.62 -23.20 -19.14
C GLU B 40 19.30 -22.13 -18.28
N LEU B 41 19.29 -22.29 -16.96
CA LEU B 41 19.93 -21.36 -16.06
C LEU B 41 21.39 -21.77 -15.84
N GLU B 42 22.26 -20.77 -15.72
CA GLU B 42 23.67 -21.01 -15.42
C GLU B 42 23.84 -20.99 -13.91
N LEU B 43 23.89 -22.18 -13.32
CA LEU B 43 23.97 -22.35 -11.87
C LEU B 43 25.24 -23.12 -11.51
N ASP B 44 25.72 -22.90 -10.29
CA ASP B 44 26.71 -23.81 -9.73
C ASP B 44 26.00 -25.08 -9.26
N GLU B 45 26.78 -26.06 -8.80
CA GLU B 45 26.19 -27.37 -8.50
C GLU B 45 25.27 -27.29 -7.28
N GLN B 46 25.63 -26.47 -6.29
CA GLN B 46 24.80 -26.38 -5.09
C GLN B 46 23.49 -25.66 -5.37
N GLN B 47 23.53 -24.61 -6.20
CA GLN B 47 22.30 -23.92 -6.58
C GLN B 47 21.35 -24.86 -7.31
N ARG B 48 21.88 -25.75 -8.14
CA ARG B 48 21.03 -26.70 -8.85
C ARG B 48 20.43 -27.72 -7.89
N LYS B 49 21.23 -28.19 -6.91
CA LYS B 49 20.70 -29.14 -5.94
C LYS B 49 19.58 -28.52 -5.11
N ARG B 50 19.75 -27.25 -4.70
CA ARG B 50 18.75 -26.61 -3.86
C ARG B 50 17.46 -26.37 -4.63
N LEU B 51 17.55 -25.97 -5.90
CA LEU B 51 16.34 -25.79 -6.71
C LEU B 51 15.65 -27.11 -6.97
N GLU B 52 16.42 -28.15 -7.31
CA GLU B 52 15.83 -29.48 -7.53
C GLU B 52 15.15 -29.98 -6.26
N ALA B 53 15.74 -29.69 -5.09
CA ALA B 53 15.11 -30.09 -3.84
C ALA B 53 13.81 -29.35 -3.61
N PHE B 54 13.78 -28.05 -3.90
CA PHE B 54 12.56 -27.27 -3.71
C PHE B 54 11.46 -27.73 -4.67
N LEU B 55 11.83 -28.06 -5.91
CA LEU B 55 10.84 -28.58 -6.85
C LEU B 55 10.29 -29.92 -6.40
N THR B 56 11.10 -30.72 -5.72
CA THR B 56 10.61 -31.98 -5.18
C THR B 56 9.58 -31.75 -4.09
N GLN B 57 9.81 -30.77 -3.22
CA GLN B 57 8.87 -30.49 -2.14
C GLN B 57 7.56 -29.94 -2.68
N LYS B 58 7.59 -29.29 -3.85
CA LYS B 58 6.36 -28.73 -4.41
C LYS B 58 5.41 -29.83 -4.87
N GLN B 59 5.95 -31.02 -5.18
CA GLN B 59 5.10 -32.13 -5.58
C GLN B 59 4.21 -32.60 -4.43
N LYS B 60 4.68 -32.44 -3.20
CA LYS B 60 3.90 -32.80 -2.01
C LYS B 60 2.81 -31.80 -1.69
N VAL B 61 2.55 -30.85 -2.59
CA VAL B 61 1.54 -29.81 -2.36
C VAL B 61 0.51 -29.91 -3.48
N GLY B 62 -0.73 -30.18 -3.11
CA GLY B 62 -1.82 -30.19 -4.06
C GLY B 62 -2.65 -28.92 -3.96
N GLU B 63 -3.97 -29.07 -3.84
CA GLU B 63 -4.84 -27.93 -3.61
C GLU B 63 -4.58 -27.36 -2.23
N LEU B 64 -4.66 -26.03 -2.11
CA LEU B 64 -4.43 -25.33 -0.85
C LEU B 64 -5.76 -24.80 -0.33
N LYS B 65 -6.15 -25.28 0.86
CA LYS B 65 -7.36 -24.84 1.51
C LYS B 65 -7.02 -24.13 2.82
N ASP B 66 -7.95 -23.28 3.28
CA ASP B 66 -7.70 -22.49 4.48
C ASP B 66 -7.59 -23.37 5.73
N ASP B 67 -8.32 -24.49 5.76
CA ASP B 67 -8.35 -25.35 6.94
C ASP B 67 -7.13 -26.26 7.05
N ASP B 68 -6.21 -26.23 6.09
CA ASP B 68 -5.04 -27.09 6.10
C ASP B 68 -3.80 -26.44 6.71
N PHE B 69 -3.93 -25.21 7.22
CA PHE B 69 -2.78 -24.47 7.75
C PHE B 69 -2.93 -24.26 9.24
N GLU B 70 -1.81 -24.37 9.95
CA GLU B 70 -1.73 -24.10 11.37
C GLU B 70 -0.74 -22.96 11.58
N LYS B 71 -1.22 -21.84 12.13
CA LYS B 71 -0.35 -20.69 12.34
C LYS B 71 0.74 -21.03 13.35
N ILE B 72 1.90 -20.41 13.15
CA ILE B 72 3.04 -20.53 14.05
C ILE B 72 3.40 -19.19 14.68
N SER B 73 3.49 -18.14 13.85
CA SER B 73 3.84 -16.81 14.33
C SER B 73 3.61 -15.81 13.22
N GLU B 74 3.45 -14.54 13.59
CA GLU B 74 3.47 -13.46 12.62
C GLU B 74 4.92 -13.15 12.23
N LEU B 75 5.12 -12.85 10.95
CA LEU B 75 6.43 -12.45 10.46
C LEU B 75 6.53 -10.95 10.20
N GLY B 76 5.41 -10.28 9.99
CA GLY B 76 5.42 -8.85 9.72
C GLY B 76 4.13 -8.44 9.05
N ALA B 77 4.00 -7.12 8.87
CA ALA B 77 2.83 -6.54 8.23
C ALA B 77 3.28 -5.38 7.37
N GLY B 78 2.34 -4.87 6.57
CA GLY B 78 2.63 -3.76 5.70
C GLY B 78 1.37 -3.04 5.27
N ASN B 79 1.48 -2.32 4.16
CA ASN B 79 0.33 -1.56 3.65
C ASN B 79 -0.73 -2.48 3.06
N GLY B 80 -0.31 -3.40 2.20
CA GLY B 80 -1.28 -4.25 1.52
C GLY B 80 -1.91 -5.28 2.44
N GLY B 81 -1.09 -6.04 3.15
CA GLY B 81 -1.59 -7.10 4.00
C GLY B 81 -0.67 -7.50 5.13
N VAL B 82 -0.63 -8.81 5.42
CA VAL B 82 0.11 -9.35 6.55
C VAL B 82 0.65 -10.72 6.16
N VAL B 83 1.68 -11.17 6.87
CA VAL B 83 2.39 -12.40 6.56
C VAL B 83 2.49 -13.25 7.82
N PHE B 84 2.19 -14.54 7.70
CA PHE B 84 2.31 -15.50 8.80
C PHE B 84 3.26 -16.62 8.38
N LYS B 85 3.96 -17.17 9.37
CA LYS B 85 4.64 -18.44 9.21
C LYS B 85 3.66 -19.55 9.58
N VAL B 86 3.40 -20.45 8.63
CA VAL B 86 2.37 -21.47 8.81
C VAL B 86 2.99 -22.84 8.55
N SER B 87 2.28 -23.87 9.01
CA SER B 87 2.62 -25.27 8.76
C SER B 87 1.51 -25.87 7.92
N HIS B 88 1.87 -26.37 6.74
CA HIS B 88 0.91 -27.05 5.88
C HIS B 88 0.82 -28.49 6.34
N LYS B 89 -0.21 -28.78 7.14
CA LYS B 89 -0.34 -30.11 7.75
C LYS B 89 -0.30 -31.27 6.76
N PRO B 90 -0.97 -31.23 5.60
CA PRO B 90 -0.87 -32.39 4.68
C PRO B 90 0.55 -32.70 4.24
N SER B 91 1.31 -31.67 3.86
CA SER B 91 2.68 -31.88 3.39
C SER B 91 3.71 -31.81 4.50
N GLY B 92 3.41 -31.12 5.60
CA GLY B 92 4.39 -30.90 6.64
C GLY B 92 5.41 -29.82 6.33
N LEU B 93 5.21 -29.07 5.25
CA LEU B 93 6.15 -28.03 4.86
C LEU B 93 5.87 -26.73 5.60
N VAL B 94 6.92 -26.08 6.08
CA VAL B 94 6.80 -24.76 6.66
C VAL B 94 6.72 -23.74 5.52
N MET B 95 5.71 -22.87 5.56
CA MET B 95 5.49 -21.90 4.50
C MET B 95 5.27 -20.52 5.12
N ALA B 96 5.48 -19.50 4.29
CA ALA B 96 5.09 -18.14 4.61
C ALA B 96 3.80 -17.83 3.85
N ARG B 97 2.76 -17.47 4.58
CA ARG B 97 1.44 -17.22 4.00
C ARG B 97 1.12 -15.74 4.11
N LYS B 98 1.11 -15.06 2.97
CA LYS B 98 0.70 -13.66 2.90
C LYS B 98 -0.79 -13.57 2.59
N LEU B 99 -1.48 -12.70 3.32
CA LEU B 99 -2.90 -12.47 3.13
C LEU B 99 -3.11 -11.03 2.68
N ILE B 100 -3.63 -10.86 1.46
CA ILE B 100 -3.93 -9.56 0.90
C ILE B 100 -5.44 -9.39 0.90
N HIS B 101 -5.93 -8.34 1.57
CA HIS B 101 -7.36 -8.07 1.62
C HIS B 101 -7.72 -7.12 0.49
N LEU B 102 -8.68 -7.54 -0.34
CA LEU B 102 -9.12 -6.74 -1.48
C LEU B 102 -10.63 -6.87 -1.64
N GLU B 103 -11.27 -5.74 -1.92
CA GLU B 103 -12.70 -5.72 -2.24
C GLU B 103 -12.82 -5.56 -3.75
N ILE B 104 -12.90 -6.70 -4.43
CA ILE B 104 -12.89 -6.76 -5.90
C ILE B 104 -14.02 -7.67 -6.36
N LYS B 105 -14.33 -7.56 -7.65
CA LYS B 105 -15.31 -8.45 -8.25
C LYS B 105 -14.80 -9.90 -8.19
N PRO B 106 -15.70 -10.87 -8.10
CA PRO B 106 -15.25 -12.28 -8.12
C PRO B 106 -14.51 -12.65 -9.39
N ALA B 107 -14.82 -12.01 -10.51
CA ALA B 107 -14.11 -12.30 -11.75
C ALA B 107 -12.67 -11.80 -11.71
N ILE B 108 -12.46 -10.62 -11.11
CA ILE B 108 -11.11 -10.11 -10.95
C ILE B 108 -10.30 -10.99 -10.00
N ARG B 109 -10.95 -11.47 -8.93
CA ARG B 109 -10.27 -12.34 -7.98
C ARG B 109 -9.79 -13.63 -8.63
N ASN B 110 -10.68 -14.29 -9.38
CA ASN B 110 -10.29 -15.52 -10.05
C ASN B 110 -9.21 -15.27 -11.09
N GLN B 111 -9.24 -14.11 -11.74
CA GLN B 111 -8.18 -13.77 -12.69
C GLN B 111 -6.86 -13.52 -11.98
N ILE B 112 -6.91 -12.99 -10.75
CA ILE B 112 -5.69 -12.82 -9.97
C ILE B 112 -5.11 -14.17 -9.60
N ILE B 113 -5.95 -15.10 -9.15
CA ILE B 113 -5.48 -16.44 -8.79
C ILE B 113 -4.86 -17.13 -9.99
N ARG B 114 -5.45 -16.94 -11.17
CA ARG B 114 -4.91 -17.57 -12.37
C ARG B 114 -3.59 -16.94 -12.79
N GLU B 115 -3.47 -15.62 -12.70
CA GLU B 115 -2.23 -14.95 -13.08
C GLU B 115 -1.10 -15.28 -12.12
N LEU B 116 -1.41 -15.53 -10.84
CA LEU B 116 -0.39 -15.92 -9.87
C LEU B 116 0.19 -17.30 -10.14
N GLN B 117 -0.47 -18.12 -10.96
CA GLN B 117 0.06 -19.45 -11.26
C GLN B 117 1.36 -19.40 -12.05
N VAL B 118 1.66 -18.27 -12.71
CA VAL B 118 2.94 -18.10 -13.38
C VAL B 118 4.09 -18.27 -12.40
N LEU B 119 3.86 -17.97 -11.12
CA LEU B 119 4.90 -18.12 -10.11
C LEU B 119 5.35 -19.57 -9.96
N HIS B 120 4.54 -20.54 -10.40
CA HIS B 120 4.99 -21.93 -10.37
C HIS B 120 6.21 -22.14 -11.26
N GLU B 121 6.39 -21.29 -12.27
CA GLU B 121 7.49 -21.39 -13.21
C GLU B 121 8.59 -20.37 -12.95
N CYS B 122 8.52 -19.65 -11.82
CA CYS B 122 9.56 -18.69 -11.44
C CYS B 122 10.49 -19.36 -10.44
N ASN B 123 11.40 -20.18 -10.95
CA ASN B 123 12.33 -20.93 -10.13
C ASN B 123 13.75 -20.48 -10.44
N SER B 124 14.41 -19.88 -9.44
CA SER B 124 15.73 -19.28 -9.60
C SER B 124 16.34 -19.13 -8.22
N PRO B 125 17.67 -19.21 -8.10
CA PRO B 125 18.29 -19.00 -6.77
C PRO B 125 18.05 -17.61 -6.22
N TYR B 126 17.64 -16.66 -7.04
CA TYR B 126 17.45 -15.27 -6.61
C TYR B 126 15.99 -14.87 -6.58
N ILE B 127 15.07 -15.84 -6.64
CA ILE B 127 13.64 -15.58 -6.60
C ILE B 127 13.03 -16.46 -5.52
N VAL B 128 12.17 -15.86 -4.69
CA VAL B 128 11.51 -16.61 -3.61
C VAL B 128 10.55 -17.63 -4.22
N GLY B 129 10.60 -18.86 -3.72
CA GLY B 129 9.75 -19.92 -4.23
C GLY B 129 8.29 -19.70 -3.95
N PHE B 130 7.46 -20.49 -4.65
CA PHE B 130 6.01 -20.33 -4.63
C PHE B 130 5.35 -21.70 -4.45
N TYR B 131 4.31 -21.73 -3.62
CA TYR B 131 3.58 -22.97 -3.34
C TYR B 131 2.15 -22.97 -3.87
N GLY B 132 1.45 -21.85 -3.80
CA GLY B 132 0.08 -21.81 -4.26
C GLY B 132 -0.60 -20.54 -3.80
N ALA B 133 -1.75 -20.30 -4.41
CA ALA B 133 -2.56 -19.12 -4.09
C ALA B 133 -4.03 -19.51 -4.10
N PHE B 134 -4.79 -18.96 -3.15
CA PHE B 134 -6.21 -19.24 -3.06
C PHE B 134 -6.90 -18.07 -2.37
N TYR B 135 -8.23 -18.11 -2.38
CA TYR B 135 -9.05 -17.07 -1.79
C TYR B 135 -9.90 -17.65 -0.67
N SER B 136 -10.09 -16.87 0.39
CA SER B 136 -10.91 -17.27 1.53
C SER B 136 -11.08 -16.07 2.44
N ASP B 137 -12.27 -15.97 3.05
CA ASP B 137 -12.56 -14.96 4.07
C ASP B 137 -12.31 -13.54 3.55
N GLY B 138 -12.54 -13.33 2.26
CA GLY B 138 -12.25 -12.03 1.67
C GLY B 138 -10.78 -11.72 1.49
N GLU B 139 -9.91 -12.71 1.64
CA GLU B 139 -8.47 -12.51 1.59
C GLU B 139 -7.86 -13.42 0.54
N ILE B 140 -7.03 -12.86 -0.32
CA ILE B 140 -6.23 -13.65 -1.26
C ILE B 140 -4.96 -14.10 -0.54
N SER B 141 -4.81 -15.41 -0.36
CA SER B 141 -3.66 -15.98 0.31
C SER B 141 -2.61 -16.37 -0.71
N ILE B 142 -1.35 -15.99 -0.46
CA ILE B 142 -0.22 -16.36 -1.29
C ILE B 142 0.77 -17.11 -0.42
N CYS B 143 0.86 -18.42 -0.63
CA CYS B 143 1.77 -19.26 0.14
C CYS B 143 3.08 -19.42 -0.62
N MET B 144 4.20 -19.11 0.03
CA MET B 144 5.48 -19.04 -0.63
C MET B 144 6.56 -19.63 0.26
N GLU B 145 7.77 -19.69 -0.28
CA GLU B 145 8.91 -20.23 0.46
C GLU B 145 9.21 -19.39 1.69
N HIS B 146 9.38 -20.06 2.83
CA HIS B 146 9.72 -19.37 4.07
C HIS B 146 11.20 -19.02 4.09
N MET B 147 11.49 -17.74 4.31
CA MET B 147 12.86 -17.25 4.42
C MET B 147 13.09 -16.89 5.89
N ASP B 148 13.84 -17.75 6.60
CA ASP B 148 13.99 -17.58 8.04
C ASP B 148 14.87 -16.38 8.41
N GLY B 149 15.49 -15.73 7.44
CA GLY B 149 16.22 -14.50 7.71
C GLY B 149 15.43 -13.23 7.58
N GLY B 150 14.19 -13.33 7.12
CA GLY B 150 13.36 -12.16 6.94
C GLY B 150 13.84 -11.30 5.77
N SER B 151 13.40 -10.05 5.78
CA SER B 151 13.78 -9.10 4.77
C SER B 151 15.00 -8.31 5.20
N LEU B 152 15.69 -7.72 4.22
CA LEU B 152 16.81 -6.83 4.54
C LEU B 152 16.35 -5.61 5.32
N ASP B 153 15.08 -5.24 5.20
CA ASP B 153 14.53 -4.18 6.04
C ASP B 153 14.60 -4.57 7.52
N GLN B 154 14.26 -5.81 7.84
CA GLN B 154 14.35 -6.27 9.23
C GLN B 154 15.80 -6.46 9.66
N VAL B 155 16.66 -6.91 8.74
CA VAL B 155 18.07 -7.09 9.06
C VAL B 155 18.72 -5.73 9.33
N LEU B 156 18.35 -4.72 8.55
CA LEU B 156 18.93 -3.39 8.74
C LEU B 156 18.55 -2.81 10.10
N LYS B 157 17.34 -3.09 10.58
CA LYS B 157 16.92 -2.57 11.86
C LYS B 157 17.74 -3.17 13.00
N LYS B 158 18.31 -4.35 12.81
CA LYS B 158 19.18 -4.96 13.82
C LYS B 158 20.65 -4.60 13.61
N ALA B 159 21.11 -4.62 12.36
CA ALA B 159 22.52 -4.33 12.10
C ALA B 159 22.83 -2.84 12.20
N GLY B 160 21.84 -1.98 11.96
CA GLY B 160 22.08 -0.55 11.90
C GLY B 160 22.60 -0.13 10.54
N ARG B 161 23.71 -0.72 10.10
CA ARG B 161 24.19 -0.59 8.75
C ARG B 161 24.65 -1.95 8.26
N ILE B 162 24.65 -2.13 6.95
CA ILE B 162 25.07 -3.38 6.32
C ILE B 162 26.40 -3.14 5.64
N PRO B 163 27.40 -3.99 5.86
CA PRO B 163 28.74 -3.74 5.28
C PRO B 163 28.71 -3.72 3.76
N GLU B 164 29.71 -3.03 3.19
CA GLU B 164 29.79 -2.89 1.74
C GLU B 164 29.95 -4.24 1.06
N GLN B 165 30.78 -5.13 1.63
CA GLN B 165 30.99 -6.43 1.02
C GLN B 165 29.72 -7.28 1.03
N ILE B 166 28.88 -7.12 2.06
CA ILE B 166 27.58 -7.80 2.05
C ILE B 166 26.70 -7.23 0.96
N LEU B 167 26.66 -5.90 0.84
CA LEU B 167 25.85 -5.26 -0.20
C LEU B 167 26.34 -5.60 -1.60
N GLY B 168 27.61 -6.00 -1.75
CA GLY B 168 28.07 -6.48 -3.04
C GLY B 168 27.37 -7.76 -3.45
N LYS B 169 27.24 -8.70 -2.53
CA LYS B 169 26.48 -9.92 -2.82
C LYS B 169 24.99 -9.61 -2.98
N VAL B 170 24.47 -8.64 -2.23
CA VAL B 170 23.07 -8.25 -2.39
C VAL B 170 22.84 -7.68 -3.77
N SER B 171 23.76 -6.83 -4.24
CA SER B 171 23.62 -6.24 -5.57
C SER B 171 23.62 -7.30 -6.66
N ILE B 172 24.52 -8.28 -6.55
CA ILE B 172 24.59 -9.34 -7.55
C ILE B 172 23.28 -10.14 -7.57
N ALA B 173 22.72 -10.42 -6.40
CA ALA B 173 21.48 -11.19 -6.35
C ALA B 173 20.32 -10.42 -6.95
N VAL B 174 20.24 -9.10 -6.69
CA VAL B 174 19.16 -8.31 -7.24
C VAL B 174 19.30 -8.18 -8.76
N ILE B 175 20.51 -7.95 -9.25
CA ILE B 175 20.73 -7.82 -10.69
C ILE B 175 20.40 -9.13 -11.39
N LYS B 176 20.82 -10.27 -10.82
CA LYS B 176 20.54 -11.55 -11.45
C LYS B 176 19.07 -11.91 -11.35
N GLY B 177 18.41 -11.55 -10.26
CA GLY B 177 16.97 -11.77 -10.15
C GLY B 177 16.19 -10.93 -11.14
N LEU B 178 16.55 -9.66 -11.28
CA LEU B 178 15.92 -8.81 -12.29
C LEU B 178 16.19 -9.34 -13.70
N THR B 179 17.39 -9.86 -13.93
CA THR B 179 17.72 -10.42 -15.24
C THR B 179 16.90 -11.67 -15.53
N TYR B 180 16.68 -12.50 -14.50
CA TYR B 180 15.87 -13.70 -14.69
C TYR B 180 14.44 -13.35 -15.06
N LEU B 181 13.84 -12.38 -14.35
CA LEU B 181 12.46 -12.00 -14.64
C LEU B 181 12.34 -11.42 -16.04
N ARG B 182 13.35 -10.66 -16.49
CA ARG B 182 13.30 -10.06 -17.82
C ARG B 182 13.41 -11.12 -18.91
N GLU B 183 14.39 -12.00 -18.81
CA GLU B 183 14.64 -12.96 -19.88
C GLU B 183 13.65 -14.12 -19.85
N LYS B 184 13.36 -14.66 -18.67
CA LYS B 184 12.54 -15.87 -18.58
C LYS B 184 11.05 -15.59 -18.51
N HIS B 185 10.64 -14.38 -18.15
CA HIS B 185 9.22 -14.09 -18.00
C HIS B 185 8.80 -12.75 -18.59
N LYS B 186 9.72 -11.94 -19.11
CA LYS B 186 9.39 -10.70 -19.81
C LYS B 186 8.61 -9.73 -18.93
N ILE B 187 8.95 -9.68 -17.64
CA ILE B 187 8.35 -8.74 -16.71
C ILE B 187 9.45 -8.06 -15.90
N MET B 188 9.10 -6.92 -15.32
CA MET B 188 9.94 -6.23 -14.37
C MET B 188 9.40 -6.44 -12.96
N HIS B 189 10.18 -6.02 -11.97
CA HIS B 189 9.82 -6.25 -10.58
C HIS B 189 8.71 -5.30 -10.13
N ARG B 190 8.95 -3.99 -10.27
CA ARG B 190 8.08 -2.85 -9.97
C ARG B 190 8.11 -2.45 -8.50
N ASP B 191 8.67 -3.24 -7.60
CA ASP B 191 8.66 -2.88 -6.18
C ASP B 191 9.94 -3.36 -5.48
N VAL B 192 11.10 -2.94 -6.00
CA VAL B 192 12.37 -3.28 -5.37
C VAL B 192 12.60 -2.35 -4.20
N LYS B 193 12.87 -2.93 -3.03
CA LYS B 193 13.12 -2.19 -1.79
C LYS B 193 13.58 -3.20 -0.74
N PRO B 194 14.19 -2.73 0.36
CA PRO B 194 14.74 -3.67 1.34
C PRO B 194 13.73 -4.67 1.89
N SER B 195 12.45 -4.28 2.02
CA SER B 195 11.47 -5.21 2.56
C SER B 195 11.11 -6.32 1.59
N ASN B 196 11.40 -6.16 0.30
CA ASN B 196 11.10 -7.18 -0.70
C ASN B 196 12.35 -7.94 -1.15
N ILE B 197 13.44 -7.83 -0.40
CA ILE B 197 14.63 -8.64 -0.61
C ILE B 197 14.79 -9.53 0.62
N LEU B 198 14.61 -10.83 0.45
CA LEU B 198 14.60 -11.77 1.56
C LEU B 198 15.89 -12.58 1.59
N VAL B 199 16.26 -13.00 2.80
CA VAL B 199 17.48 -13.76 3.04
C VAL B 199 17.16 -14.93 3.95
N ASN B 200 18.07 -15.90 3.98
CA ASN B 200 17.88 -17.08 4.83
C ASN B 200 19.22 -17.52 5.42
N SER B 201 19.18 -18.55 6.26
CA SER B 201 20.34 -19.04 6.97
C SER B 201 21.32 -19.78 6.09
N ARG B 202 20.96 -20.09 4.84
CA ARG B 202 21.87 -20.71 3.90
C ARG B 202 22.64 -19.69 3.07
N GLY B 203 22.53 -18.40 3.39
CA GLY B 203 23.22 -17.37 2.68
C GLY B 203 22.56 -16.91 1.39
N GLU B 204 21.33 -17.33 1.14
CA GLU B 204 20.66 -16.99 -0.10
C GLU B 204 19.98 -15.63 -0.01
N ILE B 205 19.95 -14.92 -1.14
CA ILE B 205 19.34 -13.60 -1.26
C ILE B 205 18.37 -13.66 -2.43
N LYS B 206 17.10 -13.36 -2.17
CA LYS B 206 16.04 -13.59 -3.14
C LYS B 206 15.06 -12.43 -3.18
N LEU B 207 14.51 -12.18 -4.36
CA LEU B 207 13.51 -11.14 -4.57
C LEU B 207 12.10 -11.70 -4.39
N CYS B 208 11.17 -10.82 -4.03
N CYS B 208 11.18 -10.82 -4.05
CA CYS B 208 9.79 -11.22 -3.85
CA CYS B 208 9.79 -11.20 -3.80
C CYS B 208 8.90 -10.01 -4.08
C CYS B 208 8.89 -10.01 -4.06
N ASP B 209 7.58 -10.27 -4.09
CA ASP B 209 6.56 -9.23 -4.23
C ASP B 209 6.69 -8.45 -5.54
N PHE B 210 7.07 -9.14 -6.62
CA PHE B 210 7.14 -8.48 -7.91
C PHE B 210 5.82 -8.63 -8.66
N GLY B 211 5.63 -7.76 -9.65
CA GLY B 211 4.37 -7.67 -10.37
C GLY B 211 4.12 -8.77 -11.37
N VAL B 212 3.75 -9.96 -10.89
CA VAL B 212 3.46 -11.07 -11.78
C VAL B 212 2.01 -11.08 -12.25
N SER B 213 1.11 -10.42 -11.53
CA SER B 213 -0.32 -10.39 -11.86
C SER B 213 -0.72 -8.96 -12.17
N GLY B 214 -1.09 -8.70 -13.43
CA GLY B 214 -1.50 -7.36 -13.81
C GLY B 214 -2.76 -6.90 -13.11
N GLN B 215 -3.68 -7.82 -12.82
CA GLN B 215 -4.88 -7.46 -12.08
C GLN B 215 -4.57 -7.17 -10.62
N LEU B 216 -3.59 -7.85 -10.04
CA LEU B 216 -3.21 -7.58 -8.65
C LEU B 216 -2.49 -6.23 -8.55
N ILE B 217 -1.76 -5.83 -9.58
CA ILE B 217 -1.15 -4.51 -9.60
C ILE B 217 -2.22 -3.43 -9.67
N ASP B 218 -3.23 -3.62 -10.54
CA ASP B 218 -4.30 -2.64 -10.66
C ASP B 218 -5.08 -2.53 -9.36
N ALA B 219 -5.41 -3.66 -8.75
CA ALA B 219 -6.26 -3.65 -7.56
C ALA B 219 -5.56 -2.98 -6.38
N MET B 220 -4.24 -3.17 -6.28
CA MET B 220 -3.50 -2.58 -5.16
C MET B 220 -3.15 -1.12 -5.38
N ALA B 221 -3.40 -0.58 -6.58
CA ALA B 221 -3.19 0.85 -6.80
C ALA B 221 -4.13 1.68 -5.95
N ASN B 222 -5.33 1.17 -5.66
CA ASN B 222 -6.25 1.78 -4.71
C ASN B 222 -5.72 1.46 -3.31
N ALA B 223 -4.87 2.36 -2.80
CA ALA B 223 -4.17 2.10 -1.55
C ALA B 223 -4.22 3.34 -0.66
N PHE B 224 -3.74 3.18 0.57
CA PHE B 224 -3.56 4.29 1.47
C PHE B 224 -2.21 4.95 1.23
N VAL B 225 -2.10 6.22 1.64
CA VAL B 225 -0.87 6.97 1.44
C VAL B 225 0.24 6.38 2.29
N GLY B 226 1.43 6.24 1.69
CA GLY B 226 2.60 5.81 2.41
C GLY B 226 3.37 6.97 3.01
N THR B 227 4.51 6.64 3.61
CA THR B 227 5.37 7.64 4.22
C THR B 227 6.72 7.81 3.52
N ARG B 228 7.06 6.92 2.59
CA ARG B 228 8.28 7.05 1.82
C ARG B 228 8.12 6.27 0.53
N SER B 229 9.07 6.45 -0.39
CA SER B 229 8.95 5.86 -1.70
C SER B 229 10.32 5.48 -2.25
N TYR B 230 10.34 4.37 -3.01
CA TYR B 230 11.51 3.94 -3.76
C TYR B 230 11.24 3.98 -5.26
N MET B 231 10.20 4.71 -5.67
CA MET B 231 9.79 4.78 -7.06
C MET B 231 10.74 5.65 -7.86
N SER B 232 11.02 5.23 -9.09
CA SER B 232 11.91 5.98 -9.96
C SER B 232 11.24 7.29 -10.38
N PRO B 233 12.03 8.30 -10.74
CA PRO B 233 11.43 9.58 -11.16
C PRO B 233 10.58 9.45 -12.41
N GLU B 234 10.91 8.55 -13.34
CA GLU B 234 10.13 8.46 -14.57
C GLU B 234 8.78 7.80 -14.33
N ARG B 235 8.70 6.87 -13.37
CA ARG B 235 7.40 6.26 -13.06
C ARG B 235 6.51 7.22 -12.28
N LEU B 236 7.10 8.07 -11.44
CA LEU B 236 6.31 9.09 -10.75
C LEU B 236 5.70 10.07 -11.73
N GLN B 237 6.45 10.46 -12.76
CA GLN B 237 5.98 11.43 -13.74
C GLN B 237 5.06 10.81 -14.79
N GLY B 238 4.95 9.49 -14.84
CA GLY B 238 4.03 8.85 -15.77
C GLY B 238 4.55 8.71 -17.18
N THR B 239 5.85 8.82 -17.39
CA THR B 239 6.43 8.62 -18.71
C THR B 239 6.85 7.15 -18.87
N HIS B 240 7.51 6.84 -19.98
CA HIS B 240 7.88 5.46 -20.27
C HIS B 240 8.86 4.93 -19.24
N TYR B 241 8.68 3.65 -18.87
CA TYR B 241 9.50 3.03 -17.85
C TYR B 241 9.78 1.57 -18.23
N SER B 242 10.77 0.99 -17.56
CA SER B 242 11.18 -0.38 -17.80
C SER B 242 11.92 -0.88 -16.57
N VAL B 243 12.73 -1.93 -16.73
CA VAL B 243 13.54 -2.44 -15.64
C VAL B 243 14.54 -1.41 -15.16
N GLN B 244 14.81 -0.38 -15.97
CA GLN B 244 15.63 0.74 -15.52
C GLN B 244 15.08 1.35 -14.24
N SER B 245 13.76 1.34 -14.07
CA SER B 245 13.16 1.85 -12.84
C SER B 245 13.52 0.98 -11.64
N ASP B 246 13.55 -0.34 -11.83
CA ASP B 246 13.98 -1.22 -10.75
C ASP B 246 15.44 -1.01 -10.39
N ILE B 247 16.26 -0.65 -11.38
CA ILE B 247 17.66 -0.34 -11.11
C ILE B 247 17.79 0.88 -10.21
N TRP B 248 16.96 1.90 -10.46
CA TRP B 248 16.90 3.06 -9.57
C TRP B 248 16.54 2.63 -8.15
N SER B 249 15.48 1.82 -8.01
CA SER B 249 15.03 1.38 -6.69
C SER B 249 16.12 0.61 -5.97
N MET B 250 16.87 -0.23 -6.70
CA MET B 250 17.99 -0.93 -6.10
C MET B 250 19.06 0.05 -5.61
N GLY B 251 19.39 1.05 -6.42
CA GLY B 251 20.37 2.04 -6.01
C GLY B 251 19.96 2.78 -4.76
N LEU B 252 18.69 3.19 -4.69
CA LEU B 252 18.19 3.86 -3.49
C LEU B 252 18.18 2.91 -2.30
N SER B 253 17.83 1.64 -2.54
CA SER B 253 17.84 0.65 -1.46
C SER B 253 19.27 0.40 -0.98
N LEU B 254 20.24 0.41 -1.89
CA LEU B 254 21.63 0.17 -1.48
C LEU B 254 22.15 1.32 -0.62
N VAL B 255 21.76 2.55 -0.93
CA VAL B 255 22.20 3.69 -0.12
C VAL B 255 21.59 3.61 1.28
N GLU B 256 20.31 3.25 1.38
CA GLU B 256 19.66 3.16 2.68
C GLU B 256 20.34 2.14 3.57
N MET B 257 20.66 0.96 3.03
CA MET B 257 21.29 -0.07 3.84
C MET B 257 22.75 0.26 4.14
N ALA B 258 23.40 1.04 3.27
CA ALA B 258 24.79 1.39 3.49
C ALA B 258 24.95 2.44 4.57
N VAL B 259 24.03 3.41 4.64
CA VAL B 259 24.11 4.48 5.63
C VAL B 259 23.17 4.25 6.82
N GLY B 260 22.25 3.30 6.74
CA GLY B 260 21.35 3.03 7.84
C GLY B 260 20.21 4.00 7.96
N ARG B 261 19.80 4.63 6.87
CA ARG B 261 18.75 5.65 6.90
C ARG B 261 18.20 5.81 5.50
N TYR B 262 16.87 5.96 5.41
CA TYR B 262 16.23 6.28 4.14
C TYR B 262 16.82 7.57 3.59
N PRO B 263 17.39 7.57 2.39
CA PRO B 263 18.27 8.67 1.98
C PRO B 263 17.58 9.85 1.32
N ILE B 264 16.28 10.02 1.53
CA ILE B 264 15.58 11.18 0.99
C ILE B 264 14.95 11.95 2.16
N PRO B 265 15.40 13.18 2.45
CA PRO B 265 16.47 13.94 1.79
C PRO B 265 17.85 13.47 2.22
N PRO B 266 18.90 13.82 1.47
CA PRO B 266 20.23 13.35 1.82
C PRO B 266 20.67 13.93 3.16
N PRO B 267 21.52 13.21 3.88
CA PRO B 267 21.97 13.69 5.18
C PRO B 267 23.04 14.75 5.05
N ASP B 268 23.24 15.48 6.15
CA ASP B 268 24.29 16.49 6.23
C ASP B 268 25.65 15.84 6.35
N ALA B 269 26.69 16.65 6.09
CA ALA B 269 28.06 16.17 6.30
C ALA B 269 28.32 15.90 7.78
N LYS B 270 27.70 16.69 8.67
CA LYS B 270 27.79 16.40 10.10
C LYS B 270 27.06 15.10 10.44
N GLU B 271 25.91 14.88 9.81
CA GLU B 271 25.18 13.63 10.02
C GLU B 271 25.99 12.42 9.56
N LEU B 272 26.83 12.59 8.53
CA LEU B 272 27.66 11.49 8.06
C LEU B 272 28.69 11.07 9.11
N GLU B 273 29.40 12.05 9.69
CA GLU B 273 30.32 11.73 10.78
C GLU B 273 29.58 11.23 12.00
N LEU B 274 28.35 11.69 12.21
CA LEU B 274 27.49 11.19 13.27
C LEU B 274 26.85 9.85 12.92
N MET B 275 27.36 9.18 11.87
CA MET B 275 26.89 7.86 11.50
C MET B 275 28.02 6.88 11.17
N PHE B 276 29.21 7.37 10.80
CA PHE B 276 30.33 6.52 10.45
C PHE B 276 31.56 6.76 11.32
N GLY B 277 31.61 7.84 12.08
CA GLY B 277 32.76 8.08 12.94
C GLY B 277 33.75 9.06 12.34
N CYS B 278 34.34 9.91 13.18
CA CYS B 278 35.32 10.89 12.73
C CYS B 278 36.60 10.21 12.24
N PRO B 308 10.61 16.07 9.55
CA PRO B 308 10.60 14.98 8.57
C PRO B 308 9.65 15.26 7.40
N MET B 309 10.15 15.07 6.18
CA MET B 309 9.36 15.39 5.00
C MET B 309 8.12 14.49 4.90
N ALA B 310 7.04 15.06 4.40
CA ALA B 310 5.84 14.30 4.12
C ALA B 310 5.98 13.61 2.75
N ILE B 311 5.00 12.75 2.44
CA ILE B 311 5.14 11.86 1.29
C ILE B 311 5.23 12.65 -0.01
N PHE B 312 4.38 13.66 -0.18
CA PHE B 312 4.40 14.42 -1.43
C PHE B 312 5.72 15.18 -1.59
N GLU B 313 6.26 15.69 -0.48
CA GLU B 313 7.54 16.39 -0.54
C GLU B 313 8.66 15.45 -0.95
N LEU B 314 8.61 14.20 -0.49
CA LEU B 314 9.59 13.21 -0.91
C LEU B 314 9.50 12.94 -2.40
N LEU B 315 8.28 12.74 -2.91
CA LEU B 315 8.10 12.49 -4.33
C LEU B 315 8.58 13.66 -5.18
N ASP B 316 8.26 14.89 -4.75
CA ASP B 316 8.75 16.06 -5.46
C ASP B 316 10.28 16.13 -5.42
N TYR B 317 10.88 15.68 -4.31
CA TYR B 317 12.34 15.68 -4.23
C TYR B 317 12.96 14.66 -5.18
N ILE B 318 12.35 13.48 -5.27
CA ILE B 318 12.86 12.44 -6.16
C ILE B 318 12.83 12.91 -7.61
N VAL B 319 11.79 13.66 -7.98
CA VAL B 319 11.61 14.06 -9.37
C VAL B 319 12.45 15.28 -9.71
N ASN B 320 12.54 16.25 -8.80
CA ASN B 320 13.09 17.56 -9.13
C ASN B 320 14.45 17.85 -8.50
N GLU B 321 14.98 16.98 -7.66
CA GLU B 321 16.24 17.24 -6.99
C GLU B 321 17.27 16.17 -7.34
N PRO B 322 18.56 16.47 -7.20
CA PRO B 322 19.58 15.49 -7.54
C PRO B 322 19.46 14.26 -6.67
N PRO B 323 19.84 13.10 -7.19
CA PRO B 323 19.71 11.87 -6.41
C PRO B 323 20.71 11.82 -5.28
N PRO B 324 20.44 11.04 -4.24
CA PRO B 324 21.42 10.91 -3.15
C PRO B 324 22.65 10.13 -3.63
N LYS B 325 23.69 10.16 -2.79
CA LYS B 325 24.93 9.49 -3.10
C LYS B 325 25.55 8.99 -1.80
N LEU B 326 26.45 8.02 -1.93
CA LEU B 326 27.19 7.54 -0.79
C LEU B 326 28.24 8.56 -0.36
N PRO B 327 28.55 8.65 0.92
CA PRO B 327 29.66 9.51 1.35
C PRO B 327 30.99 8.93 0.92
N SER B 328 31.92 9.81 0.58
CA SER B 328 33.24 9.38 0.16
C SER B 328 34.11 9.06 1.38
N GLY B 329 35.13 8.24 1.14
CA GLY B 329 36.03 7.84 2.21
C GLY B 329 35.65 6.54 2.89
N VAL B 330 34.43 6.49 3.44
CA VAL B 330 33.99 5.31 4.18
C VAL B 330 33.63 4.16 3.25
N PHE B 331 33.31 4.44 2.00
CA PHE B 331 33.02 3.42 1.00
C PHE B 331 34.01 3.53 -0.14
N SER B 332 34.25 2.39 -0.79
CA SER B 332 35.18 2.38 -1.91
C SER B 332 34.65 3.23 -3.07
N LEU B 333 35.58 3.72 -3.88
CA LEU B 333 35.18 4.53 -5.03
C LEU B 333 34.39 3.72 -6.04
N GLU B 334 34.65 2.41 -6.11
CA GLU B 334 33.86 1.55 -7.00
C GLU B 334 32.40 1.48 -6.56
N PHE B 335 32.17 1.37 -5.25
CA PHE B 335 30.80 1.31 -4.74
C PHE B 335 30.09 2.64 -4.96
N GLN B 336 30.78 3.76 -4.74
CA GLN B 336 30.18 5.07 -4.94
C GLN B 336 29.78 5.26 -6.40
N ASP B 337 30.66 4.89 -7.32
CA ASP B 337 30.34 5.00 -8.74
C ASP B 337 29.21 4.07 -9.13
N PHE B 338 29.12 2.90 -8.49
CA PHE B 338 28.09 1.92 -8.83
C PHE B 338 26.70 2.48 -8.54
N VAL B 339 26.49 3.02 -7.34
CA VAL B 339 25.16 3.53 -7.00
C VAL B 339 24.86 4.83 -7.74
N ASN B 340 25.90 5.58 -8.13
CA ASN B 340 25.68 6.79 -8.92
C ASN B 340 25.10 6.43 -10.28
N LYS B 341 25.63 5.39 -10.93
CA LYS B 341 25.10 4.94 -12.21
C LYS B 341 23.73 4.32 -12.06
N CYS B 342 23.36 3.87 -10.85
CA CYS B 342 22.01 3.36 -10.63
C CYS B 342 21.00 4.48 -10.42
N LEU B 343 21.45 5.64 -9.95
CA LEU B 343 20.55 6.72 -9.56
C LEU B 343 20.55 7.87 -10.56
N ILE B 344 21.09 7.65 -11.76
CA ILE B 344 20.96 8.65 -12.82
C ILE B 344 19.49 8.83 -13.14
N LYS B 345 19.03 10.08 -13.11
CA LYS B 345 17.59 10.34 -13.18
C LYS B 345 17.02 10.02 -14.56
N ASN B 346 17.78 10.31 -15.62
CA ASN B 346 17.35 9.94 -16.96
C ASN B 346 17.54 8.43 -17.15
N PRO B 347 16.46 7.66 -17.33
CA PRO B 347 16.63 6.20 -17.46
C PRO B 347 17.43 5.79 -18.68
N ALA B 348 17.52 6.64 -19.71
CA ALA B 348 18.33 6.30 -20.88
C ALA B 348 19.82 6.45 -20.60
N GLU B 349 20.19 7.38 -19.71
CA GLU B 349 21.58 7.51 -19.28
C GLU B 349 21.93 6.55 -18.15
N ARG B 350 20.93 6.07 -17.43
CA ARG B 350 21.14 5.13 -16.33
C ARG B 350 21.67 3.80 -16.86
N ALA B 351 22.54 3.17 -16.06
CA ALA B 351 23.08 1.87 -16.45
C ALA B 351 21.98 0.82 -16.49
N ASP B 352 22.19 -0.20 -17.31
CA ASP B 352 21.25 -1.30 -17.45
C ASP B 352 21.84 -2.57 -16.84
N LEU B 353 21.06 -3.66 -16.91
CA LEU B 353 21.47 -4.91 -16.26
C LEU B 353 22.78 -5.44 -16.82
N LYS B 354 23.00 -5.28 -18.13
CA LYS B 354 24.22 -5.78 -18.74
C LYS B 354 25.44 -4.99 -18.27
N GLN B 355 25.32 -3.65 -18.21
CA GLN B 355 26.44 -2.83 -17.79
C GLN B 355 26.74 -2.99 -16.31
N LEU B 356 25.71 -3.18 -15.48
CA LEU B 356 25.93 -3.32 -14.04
C LEU B 356 26.70 -4.61 -13.73
N MET B 357 26.43 -5.69 -14.46
CA MET B 357 27.07 -6.96 -14.17
C MET B 357 28.57 -6.93 -14.43
N VAL B 358 29.02 -6.07 -15.35
CA VAL B 358 30.44 -5.93 -15.65
C VAL B 358 31.01 -4.65 -15.06
N HIS B 359 30.33 -4.05 -14.09
CA HIS B 359 30.88 -2.90 -13.40
C HIS B 359 31.97 -3.35 -12.43
N ALA B 360 32.93 -2.45 -12.19
CA ALA B 360 34.08 -2.80 -11.36
C ALA B 360 33.67 -3.22 -9.96
N PHE B 361 32.61 -2.63 -9.42
CA PHE B 361 32.14 -3.01 -8.09
C PHE B 361 31.61 -4.44 -8.07
N ILE B 362 30.85 -4.82 -9.10
CA ILE B 362 30.29 -6.16 -9.15
C ILE B 362 31.38 -7.20 -9.45
N LYS B 363 32.29 -6.88 -10.36
CA LYS B 363 33.36 -7.83 -10.68
C LYS B 363 34.24 -8.11 -9.47
N ARG B 364 34.47 -7.11 -8.63
CA ARG B 364 35.24 -7.33 -7.41
C ARG B 364 34.41 -8.10 -6.38
N SER B 365 33.13 -7.72 -6.22
CA SER B 365 32.28 -8.39 -5.24
C SER B 365 32.05 -9.85 -5.61
N ASP B 366 31.91 -10.13 -6.90
CA ASP B 366 31.64 -11.50 -7.34
C ASP B 366 32.79 -12.44 -6.99
N ALA B 367 34.02 -11.94 -7.01
CA ALA B 367 35.20 -12.76 -6.72
C ALA B 367 35.49 -12.87 -5.22
N GLU B 368 34.86 -12.05 -4.39
CA GLU B 368 35.14 -12.06 -2.96
C GLU B 368 34.46 -13.23 -2.28
N GLU B 369 35.16 -13.82 -1.31
CA GLU B 369 34.60 -14.88 -0.47
C GLU B 369 33.99 -14.22 0.76
N VAL B 370 32.67 -14.26 0.86
CA VAL B 370 31.93 -13.59 1.93
C VAL B 370 31.03 -14.63 2.60
N ASP B 371 31.18 -14.80 3.91
CA ASP B 371 30.33 -15.68 4.69
C ASP B 371 29.09 -14.90 5.10
N PHE B 372 28.12 -14.83 4.19
CA PHE B 372 26.91 -14.05 4.46
C PHE B 372 26.03 -14.73 5.49
N ALA B 373 25.94 -16.07 5.43
CA ALA B 373 25.12 -16.79 6.40
C ALA B 373 25.65 -16.62 7.82
N GLY B 374 26.98 -16.67 7.97
CA GLY B 374 27.56 -16.45 9.28
C GLY B 374 27.33 -15.04 9.80
N TRP B 375 27.39 -14.05 8.91
CA TRP B 375 27.11 -12.67 9.32
C TRP B 375 25.65 -12.51 9.76
N LEU B 376 24.72 -13.13 9.03
CA LEU B 376 23.32 -13.13 9.45
C LEU B 376 23.15 -13.79 10.81
N CYS B 377 23.82 -14.93 11.02
CA CYS B 377 23.72 -15.61 12.32
C CYS B 377 24.23 -14.74 13.45
N SER B 378 25.36 -14.08 13.24
CA SER B 378 25.93 -13.22 14.27
C SER B 378 25.14 -11.94 14.47
N THR B 379 24.29 -11.56 13.50
CA THR B 379 23.54 -10.31 13.57
C THR B 379 22.13 -10.49 14.11
N ILE B 380 21.36 -11.40 13.52
CA ILE B 380 19.96 -11.60 13.90
C ILE B 380 19.74 -12.86 14.73
N GLY B 381 20.78 -13.65 14.96
CA GLY B 381 20.64 -14.84 15.76
C GLY B 381 20.04 -16.03 15.05
N LEU B 382 20.25 -16.13 13.74
CA LEU B 382 19.64 -17.18 12.93
C LEU B 382 20.61 -18.36 12.81
N ASN B 383 20.29 -19.45 13.48
CA ASN B 383 21.19 -20.60 13.51
C ASN B 383 21.25 -21.27 12.14
N GLN B 384 22.47 -21.58 11.70
CA GLN B 384 22.68 -22.26 10.42
C GLN B 384 22.37 -23.74 10.52
PG ANP C . -11.25 3.71 6.82
O1G ANP C . -10.78 4.97 6.17
O2G ANP C . -12.76 3.89 7.26
O3G ANP C . -10.37 3.43 8.10
PB ANP C . -12.41 1.38 5.76
O1B ANP C . -12.53 0.73 4.42
O2B ANP C . -13.72 2.19 6.03
N3B ANP C . -11.08 2.42 5.74
PA ANP C . -12.90 0.37 8.27
O1A ANP C . -11.89 0.21 9.35
O2A ANP C . -13.68 1.68 8.36
O3A ANP C . -12.21 0.28 6.84
O5' ANP C . -13.88 -0.88 8.34
C5' ANP C . -13.41 -2.22 8.05
C4' ANP C . -14.60 -3.10 7.76
O4' ANP C . -15.63 -2.85 8.74
C3' ANP C . -15.26 -2.90 6.40
O3' ANP C . -15.68 -4.14 5.86
C2' ANP C . -16.43 -1.98 6.71
O2' ANP C . -17.50 -2.16 5.79
C1' ANP C . -16.83 -2.46 8.10
N9 ANP C . -17.47 -1.44 8.92
C8 ANP C . -16.94 -0.23 9.31
N7 ANP C . -17.74 0.50 10.05
C5 ANP C . -18.89 -0.28 10.15
C6 ANP C . -20.12 -0.07 10.80
N6 ANP C . -20.42 1.02 11.50
N1 ANP C . -21.06 -1.04 10.70
C2 ANP C . -20.77 -2.14 10.00
N3 ANP C . -19.65 -2.45 9.35
C4 ANP C . -18.74 -1.47 9.46
MG MG D . -14.61 3.20 7.47
NI NI E . -36.24 16.79 -4.11
C ACT F . -28.21 27.83 -1.68
O ACT F . -29.34 28.14 -2.14
OXT ACT F . -27.06 28.12 -2.12
CH3 ACT F . -28.21 26.96 -0.39
C ACT G . 6.73 2.12 -3.16
O ACT G . 5.58 2.47 -3.56
OXT ACT G . 7.86 2.62 -3.45
CH3 ACT G . 6.79 0.90 -2.19
C1 EDO H . -27.42 2.37 -15.22
O1 EDO H . -26.10 2.02 -14.78
C2 EDO H . -27.52 3.89 -15.37
O2 EDO H . -26.55 4.33 -16.33
C10 A1AHE I . 3.68 -5.79 -7.52
C11 A1AHE I . 2.33 -5.54 -7.28
C14 A1AHE I . 2.12 -8.39 -5.38
C15 A1AHE I . 2.24 -7.39 -4.28
C16 A1AHE I . 2.60 -9.74 -5.07
C17 A1AHE I . 3.02 -10.19 -3.82
C18 A1AHE I . 3.46 -11.48 -3.60
C19 A1AHE I . 3.50 -12.43 -4.64
C23 A1AHE I . 7.29 -13.39 -5.53
C24 A1AHE I . 7.87 -14.65 -5.35
C25 A1AHE I . 7.08 -15.64 -4.79
C26 A1AHE I . 5.75 -15.34 -4.44
C28 A1AHE I . 3.09 -12.03 -5.91
C29 A1AHE I . 2.65 -10.70 -6.10
C01 A1AHE I . 5.05 -0.25 -5.76
C07 A1AHE I . 2.93 -3.13 -7.33
C09 A1AHE I . 4.58 -4.72 -7.64
C12 A1AHE I . 1.33 -6.68 -7.13
C13 A1AHE I . 1.80 -8.03 -6.66
C21 A1AHE I . 5.25 -14.04 -4.66
C31 A1AHE I . 1.89 -9.07 -7.67
C33 A1AHE I . 1.98 -4.17 -7.18
F27 A1AHE I . 5.01 -16.29 -3.90
F34 A1AHE I . 0.72 -3.83 -6.96
N02 A1AHE I . 4.98 -0.47 -7.22
N06 A1AHE I . 2.64 -1.75 -7.25
N08 A1AHE I . 4.25 -3.42 -7.56
N22 A1AHE I . 6.02 -13.06 -5.21
O04 A1AHE I . 3.86 -0.97 -9.34
O05 A1AHE I . 2.85 0.68 -7.82
O20 A1AHE I . 3.95 -13.70 -4.33
O30 A1AHE I . 2.27 -10.37 -7.36
O32 A1AHE I . 1.66 -8.95 -8.85
S03 A1AHE I . 3.51 -0.54 -8.03
PG ANP J . 4.94 -2.74 2.21
O1G ANP J . 4.91 -1.25 2.13
O2G ANP J . 5.42 -3.32 0.82
O3G ANP J . 3.49 -3.28 2.54
PB ANP J . 6.25 -4.90 3.43
O1B ANP J . 7.29 -5.25 4.44
O2B ANP J . 6.74 -5.35 2.03
N3B ANP J . 6.02 -3.23 3.44
PA ANP J . 4.69 -7.14 3.36
O1A ANP J . 5.01 -7.35 1.93
O2A ANP J . 3.24 -7.49 3.72
O3A ANP J . 4.92 -5.62 3.79
O5' ANP J . 5.72 -7.98 4.21
C5' ANP J . 5.57 -8.15 5.64
C4' ANP J . 6.86 -8.71 6.18
O4' ANP J . 6.79 -10.15 6.19
C3' ANP J . 8.10 -8.39 5.35
O3' ANP J . 8.64 -7.13 5.72
C2' ANP J . 9.04 -9.55 5.69
O2' ANP J . 9.84 -9.25 6.83
C1' ANP J . 8.08 -10.70 5.99
N9 ANP J . 7.99 -11.68 4.92
C8 ANP J . 7.33 -11.54 3.72
N7 ANP J . 7.44 -12.58 2.93
C5 ANP J . 8.21 -13.48 3.67
C6 ANP J . 8.68 -14.77 3.38
N6 ANP J . 8.42 -15.43 2.25
N1 ANP J . 9.43 -15.38 4.33
C2 ANP J . 9.69 -14.73 5.46
N3 ANP J . 9.30 -13.51 5.83
C4 ANP J . 8.56 -12.92 4.88
MG MG K . 6.78 -6.88 0.65
C ACT L . 24.10 -22.42 -19.54
O ACT L . 23.27 -22.66 -18.61
OXT ACT L . 23.87 -22.18 -20.76
CH3 ACT L . 25.61 -22.41 -19.14
C ACT M . 27.22 -15.46 -0.70
O ACT M . 28.41 -15.24 -1.04
OXT ACT M . 26.79 -16.13 0.29
CH3 ACT M . 26.10 -14.83 -1.60
C ACT N . 1.06 -0.27 -3.30
O ACT N . 0.23 -0.85 -2.54
OXT ACT N . 2.26 0.03 -3.08
CH3 ACT N . 0.53 0.15 -4.72
#